data_6AON
#
_entry.id   6AON
#
_cell.length_a   68.801
_cell.length_b   68.801
_cell.length_c   199.396
_cell.angle_alpha   90.00
_cell.angle_beta   90.00
_cell.angle_gamma   90.00
#
_symmetry.space_group_name_H-M   'P 41'
#
loop_
_entity.id
_entity.type
_entity.pdbx_description
1 polymer 'Dihydrolipoyl dehydrogenase'
2 non-polymer 'FLAVIN-ADENINE DINUCLEOTIDE'
3 non-polymer 'CALCIUM ION'
4 water water
#
_entity_poly.entity_id   1
_entity_poly.type   'polypeptide(L)'
_entity_poly.pdbx_seq_one_letter_code
;SNAMSKQFDVVVIGAGPGGYIAAIRAAQLGMSVACIDAWQNGQGGPAPGGTCTNVGCIPSKALLQSSEHYEQANHHFAEH
GIEVKGVSLKLDTLIGRKNTVVKQNNDGILYLFKKNKVTYFHGKGAFAGQVDGGWSIKVTGTTDADLVAKHVIVATGSSA
RELPGLPFDEKNILSNDGALNIGAVPKKLGVIGAGVIGLEMGSVWRRLGAEVTILEAMPEFLAAADQQVAKEALKSFAKQ
GLDIQTGVKIGEIKAAAKSITVPYVDAKGAEQKLVVDKLIVSIGRVPYTGGLNAEAVGLKLDERGFVAVDEDCKTNLPNV
WAVGDVVRGPMLAHKAEEEGVAVAERIAGQHGHVNFATVPWVIYTSPEIAWVGKTEQQLKAEGREYKAGSFPFMANGRAR
ALGDTTGFAKVIADAKTDEVLGVHIIGPMASELISEAVTIMEFRGAAEDIARICHAHPTLSEAVKEAALAVDKRTLNF
;
_entity_poly.pdbx_strand_id   A,B
#
# COMPACT_ATOMS: atom_id res chain seq x y z
N LYS A 6 19.33 14.55 -39.50
CA LYS A 6 18.72 15.84 -39.05
C LYS A 6 19.41 16.30 -37.74
N GLN A 7 19.24 17.57 -37.40
CA GLN A 7 19.86 18.21 -36.21
C GLN A 7 18.90 18.20 -35.02
N PHE A 8 19.40 17.79 -33.85
CA PHE A 8 18.61 17.76 -32.62
C PHE A 8 19.42 18.37 -31.50
N ASP A 9 18.74 19.01 -30.55
CA ASP A 9 19.42 19.54 -29.38
C ASP A 9 19.96 18.38 -28.55
N VAL A 10 19.14 17.33 -28.42
CA VAL A 10 19.50 16.16 -27.64
C VAL A 10 19.22 14.84 -28.37
N VAL A 11 20.22 13.95 -28.39
CA VAL A 11 20.05 12.61 -28.92
C VAL A 11 20.28 11.66 -27.76
N VAL A 12 19.26 10.83 -27.47
CA VAL A 12 19.31 9.88 -26.37
C VAL A 12 19.47 8.50 -26.97
N ILE A 13 20.50 7.77 -26.54
CA ILE A 13 20.77 6.43 -27.06
C ILE A 13 20.31 5.46 -25.98
N GLY A 14 19.16 4.82 -26.24
CA GLY A 14 18.54 3.88 -25.32
C GLY A 14 17.16 4.36 -24.93
N ALA A 15 16.19 3.43 -24.89
CA ALA A 15 14.82 3.77 -24.51
C ALA A 15 14.29 2.97 -23.33
N GLY A 16 15.21 2.60 -22.44
CA GLY A 16 14.85 1.99 -21.16
C GLY A 16 14.42 3.15 -20.26
N PRO A 17 14.15 2.86 -18.97
CA PRO A 17 13.74 3.88 -18.01
C PRO A 17 14.57 5.16 -18.01
N GLY A 18 15.89 5.06 -18.15
CA GLY A 18 16.73 6.24 -18.12
C GLY A 18 16.54 7.06 -19.37
N GLY A 19 16.69 6.40 -20.51
CA GLY A 19 16.61 7.11 -21.76
C GLY A 19 15.24 7.60 -22.22
N TYR A 20 14.20 6.78 -22.07
CA TYR A 20 12.89 7.22 -22.55
C TYR A 20 12.40 8.38 -21.69
N ILE A 21 12.65 8.29 -20.39
CA ILE A 21 12.30 9.40 -19.47
C ILE A 21 13.16 10.64 -19.75
N ALA A 22 14.47 10.47 -19.96
CA ALA A 22 15.31 11.63 -20.27
C ALA A 22 14.81 12.33 -21.56
N ALA A 23 14.44 11.51 -22.54
CA ALA A 23 13.97 12.07 -23.82
C ALA A 23 12.68 12.86 -23.64
N ILE A 24 11.75 12.28 -22.91
CA ILE A 24 10.46 12.93 -22.66
C ILE A 24 10.66 14.24 -21.91
N ARG A 25 11.46 14.19 -20.85
CA ARG A 25 11.70 15.38 -20.02
C ARG A 25 12.38 16.50 -20.85
N ALA A 26 13.35 16.13 -21.66
CA ALA A 26 14.05 17.09 -22.53
C ALA A 26 13.06 17.78 -23.49
N ALA A 27 12.14 16.98 -24.03
CA ALA A 27 11.10 17.51 -24.93
C ALA A 27 10.15 18.47 -24.19
N GLN A 28 9.76 18.11 -22.97
CA GLN A 28 8.91 18.97 -22.14
C GLN A 28 9.54 20.32 -21.91
N LEU A 29 10.88 20.31 -21.71
CA LEU A 29 11.68 21.52 -21.52
C LEU A 29 11.89 22.36 -22.80
N GLY A 30 11.28 21.91 -23.91
CA GLY A 30 11.30 22.67 -25.18
C GLY A 30 12.44 22.42 -26.15
N MET A 31 13.18 21.34 -25.92
CA MET A 31 14.29 21.01 -26.79
C MET A 31 13.85 20.03 -27.85
N SER A 32 14.59 20.02 -28.96
N SER A 32 14.61 20.01 -28.95
CA SER A 32 14.34 19.08 -30.05
CA SER A 32 14.40 19.10 -30.06
C SER A 32 15.08 17.81 -29.63
C SER A 32 15.10 17.80 -29.64
N VAL A 33 14.34 16.70 -29.57
CA VAL A 33 14.88 15.42 -29.08
C VAL A 33 14.66 14.21 -29.98
N ALA A 34 15.73 13.42 -30.14
CA ALA A 34 15.70 12.13 -30.81
C ALA A 34 16.04 11.06 -29.77
N CYS A 35 15.37 9.91 -29.86
CA CYS A 35 15.65 8.76 -28.99
C CYS A 35 15.83 7.53 -29.87
N ILE A 36 17.00 6.91 -29.79
CA ILE A 36 17.38 5.75 -30.58
C ILE A 36 17.39 4.51 -29.68
N ASP A 37 16.74 3.44 -30.12
CA ASP A 37 16.72 2.21 -29.31
C ASP A 37 16.61 1.02 -30.22
N ALA A 38 17.41 -0.01 -29.92
CA ALA A 38 17.51 -1.21 -30.75
C ALA A 38 16.63 -2.38 -30.36
N TRP A 39 16.05 -2.37 -29.17
CA TRP A 39 15.28 -3.55 -28.73
C TRP A 39 14.21 -3.91 -29.78
N GLN A 40 14.01 -5.21 -29.98
CA GLN A 40 13.03 -5.74 -30.91
C GLN A 40 12.04 -6.67 -30.22
N ASN A 41 10.78 -6.60 -30.63
CA ASN A 41 9.77 -7.53 -30.11
C ASN A 41 9.89 -8.85 -30.86
N GLY A 42 8.97 -9.78 -30.62
CA GLY A 42 8.95 -11.08 -31.29
C GLY A 42 8.94 -11.08 -32.80
N GLN A 43 8.37 -10.02 -33.40
CA GLN A 43 8.28 -9.88 -34.86
C GLN A 43 9.35 -8.95 -35.44
N GLY A 44 10.32 -8.54 -34.63
CA GLY A 44 11.41 -7.67 -35.06
C GLY A 44 11.09 -6.18 -35.07
N GLY A 45 9.95 -5.78 -34.49
CA GLY A 45 9.55 -4.39 -34.48
C GLY A 45 9.95 -3.67 -33.21
N PRO A 46 9.64 -2.37 -33.13
CA PRO A 46 9.94 -1.56 -31.96
C PRO A 46 9.43 -2.15 -30.63
N ALA A 47 10.22 -2.00 -29.57
CA ALA A 47 9.83 -2.49 -28.26
C ALA A 47 10.47 -1.64 -27.16
N PRO A 48 10.08 -0.36 -27.07
CA PRO A 48 10.66 0.53 -26.05
C PRO A 48 10.42 0.06 -24.63
N GLY A 49 11.24 0.57 -23.71
CA GLY A 49 11.14 0.23 -22.31
C GLY A 49 12.33 -0.53 -21.79
N GLY A 50 13.25 -0.90 -22.68
CA GLY A 50 14.49 -1.54 -22.29
C GLY A 50 14.36 -2.81 -21.50
N THR A 51 15.31 -3.01 -20.58
CA THR A 51 15.36 -4.21 -19.76
C THR A 51 14.14 -4.32 -18.86
N CYS A 52 13.80 -3.20 -18.22
CA CYS A 52 12.69 -3.15 -17.27
C CYS A 52 11.37 -3.61 -17.90
N THR A 53 11.00 -3.03 -19.02
CA THR A 53 9.76 -3.41 -19.69
C THR A 53 9.76 -4.82 -20.29
N ASN A 54 10.82 -5.14 -21.02
CA ASN A 54 10.87 -6.40 -21.79
C ASN A 54 11.26 -7.69 -21.06
N VAL A 55 12.25 -7.60 -20.17
CA VAL A 55 12.75 -8.78 -19.45
C VAL A 55 13.13 -8.47 -18.01
N GLY A 56 12.53 -7.43 -17.45
CA GLY A 56 12.88 -6.99 -16.10
C GLY A 56 11.73 -6.77 -15.15
N CYS A 57 11.66 -5.55 -14.61
CA CYS A 57 10.65 -5.19 -13.62
C CYS A 57 9.23 -5.61 -14.00
N ILE A 58 8.79 -5.21 -15.19
CA ILE A 58 7.40 -5.43 -15.59
C ILE A 58 6.99 -6.91 -15.68
N PRO A 59 7.72 -7.71 -16.48
CA PRO A 59 7.32 -9.12 -16.56
C PRO A 59 7.58 -9.87 -15.27
N SER A 60 8.62 -9.50 -14.51
CA SER A 60 8.89 -10.19 -13.25
C SER A 60 7.74 -9.94 -12.27
N LYS A 61 7.30 -8.69 -12.14
CA LYS A 61 6.17 -8.37 -11.24
C LYS A 61 4.87 -9.06 -11.71
N ALA A 62 4.69 -9.20 -13.03
CA ALA A 62 3.51 -9.89 -13.59
C ALA A 62 3.50 -11.37 -13.21
N LEU A 63 4.64 -12.04 -13.35
CA LEU A 63 4.68 -13.47 -12.96
C LEU A 63 4.57 -13.65 -11.45
N LEU A 64 5.12 -12.70 -10.68
CA LEU A 64 5.01 -12.76 -9.22
C LEU A 64 3.55 -12.69 -8.76
N GLN A 65 2.77 -11.80 -9.38
N GLN A 65 2.77 -11.80 -9.38
CA GLN A 65 1.38 -11.67 -9.01
CA GLN A 65 1.37 -11.65 -9.02
C GLN A 65 0.57 -12.91 -9.40
C GLN A 65 0.52 -12.87 -9.41
N SER A 66 0.72 -13.38 -10.63
CA SER A 66 -0.04 -14.56 -11.10
C SER A 66 0.30 -15.79 -10.28
N SER A 67 1.59 -15.98 -10.00
CA SER A 67 2.02 -17.14 -9.20
C SER A 67 1.55 -17.02 -7.76
N GLU A 68 1.45 -15.79 -7.26
CA GLU A 68 0.92 -15.58 -5.91
C GLU A 68 -0.56 -15.96 -5.90
N HIS A 69 -1.32 -15.57 -6.94
CA HIS A 69 -2.73 -15.97 -7.02
C HIS A 69 -2.87 -17.49 -7.05
N TYR A 70 -1.96 -18.16 -7.74
CA TYR A 70 -1.98 -19.62 -7.84
C TYR A 70 -1.76 -20.22 -6.45
N GLU A 71 -0.79 -19.65 -5.73
CA GLU A 71 -0.48 -20.07 -4.35
C GLU A 71 -1.66 -19.86 -3.41
N GLN A 72 -2.30 -18.69 -3.51
N GLN A 72 -2.31 -18.70 -3.50
CA GLN A 72 -3.49 -18.36 -2.70
CA GLN A 72 -3.46 -18.41 -2.63
C GLN A 72 -4.59 -19.39 -2.89
C GLN A 72 -4.63 -19.38 -2.89
N ALA A 73 -4.85 -19.73 -4.15
CA ALA A 73 -5.91 -20.67 -4.52
C ALA A 73 -5.66 -22.05 -3.93
N ASN A 74 -4.41 -22.50 -3.98
CA ASN A 74 -4.04 -23.82 -3.47
C ASN A 74 -3.98 -23.93 -1.96
N HIS A 75 -3.54 -22.86 -1.28
CA HIS A 75 -3.32 -22.96 0.18
C HIS A 75 -3.98 -21.93 1.10
N HIS A 76 -4.40 -20.78 0.60
CA HIS A 76 -4.94 -19.75 1.50
C HIS A 76 -6.39 -19.39 1.33
N PHE A 77 -7.13 -20.15 0.54
CA PHE A 77 -8.55 -19.86 0.34
C PHE A 77 -9.44 -20.68 1.28
N ALA A 78 -9.00 -21.89 1.68
CA ALA A 78 -9.81 -22.69 2.63
C ALA A 78 -10.12 -21.94 3.91
N GLU A 79 -9.10 -21.31 4.50
CA GLU A 79 -9.26 -20.57 5.77
C GLU A 79 -10.28 -19.41 5.71
N HIS A 80 -10.46 -18.85 4.52
CA HIS A 80 -11.46 -17.80 4.29
C HIS A 80 -12.84 -18.38 3.95
N GLY A 81 -12.99 -19.70 4.03
CA GLY A 81 -14.27 -20.34 3.72
C GLY A 81 -14.54 -20.49 2.23
N ILE A 82 -13.47 -20.50 1.44
CA ILE A 82 -13.56 -20.66 -0.01
C ILE A 82 -12.98 -22.02 -0.38
N GLU A 83 -13.86 -22.95 -0.71
CA GLU A 83 -13.45 -24.29 -1.09
C GLU A 83 -13.30 -24.37 -2.60
N VAL A 84 -12.07 -24.40 -3.08
CA VAL A 84 -11.78 -24.48 -4.52
C VAL A 84 -11.19 -25.86 -4.82
N LYS A 85 -11.92 -26.66 -5.60
CA LYS A 85 -11.47 -28.01 -5.94
C LYS A 85 -10.86 -28.11 -7.35
N GLY A 86 -9.87 -28.98 -7.49
CA GLY A 86 -9.23 -29.24 -8.78
C GLY A 86 -8.56 -28.05 -9.43
N VAL A 87 -7.65 -27.42 -8.70
CA VAL A 87 -6.90 -26.27 -9.20
C VAL A 87 -5.81 -26.76 -10.14
N SER A 88 -5.74 -26.18 -11.33
CA SER A 88 -4.70 -26.53 -12.30
C SER A 88 -4.18 -25.28 -12.98
N LEU A 89 -3.03 -25.43 -13.62
CA LEU A 89 -2.32 -24.34 -14.25
C LEU A 89 -2.33 -24.43 -15.77
N LYS A 90 -2.63 -23.31 -16.42
CA LYS A 90 -2.56 -23.17 -17.87
C LYS A 90 -1.37 -22.20 -18.03
N LEU A 91 -0.17 -22.76 -17.99
CA LEU A 91 1.04 -21.93 -18.05
C LEU A 91 1.08 -20.99 -19.26
N ASP A 92 0.68 -21.46 -20.43
N ASP A 92 0.64 -21.47 -20.43
CA ASP A 92 0.69 -20.60 -21.64
CA ASP A 92 0.63 -20.66 -21.65
C ASP A 92 -0.18 -19.35 -21.46
C ASP A 92 -0.20 -19.37 -21.49
N THR A 93 -1.29 -19.47 -20.73
CA THR A 93 -2.16 -18.32 -20.48
C THR A 93 -1.48 -17.34 -19.51
N LEU A 94 -0.81 -17.90 -18.48
CA LEU A 94 -0.13 -17.09 -17.49
C LEU A 94 1.00 -16.27 -18.13
N ILE A 95 1.83 -16.95 -18.92
CA ILE A 95 2.94 -16.29 -19.61
C ILE A 95 2.37 -15.31 -20.64
N GLY A 96 1.29 -15.72 -21.30
CA GLY A 96 0.64 -14.86 -22.28
C GLY A 96 0.13 -13.56 -21.70
N ARG A 97 -0.41 -13.61 -20.48
CA ARG A 97 -0.89 -12.38 -19.82
C ARG A 97 0.29 -11.44 -19.66
N LYS A 98 1.41 -11.98 -19.18
CA LYS A 98 2.64 -11.17 -19.04
C LYS A 98 3.08 -10.59 -20.38
N ASN A 99 3.04 -11.40 -21.46
CA ASN A 99 3.45 -10.90 -22.78
C ASN A 99 2.57 -9.74 -23.24
N THR A 100 1.28 -9.82 -22.94
CA THR A 100 0.34 -8.76 -23.33
C THR A 100 0.65 -7.47 -22.55
N VAL A 101 1.01 -7.61 -21.30
CA VAL A 101 1.34 -6.44 -20.47
C VAL A 101 2.62 -5.78 -20.99
N VAL A 102 3.60 -6.60 -21.39
CA VAL A 102 4.86 -6.07 -21.94
C VAL A 102 4.57 -5.28 -23.21
N LYS A 103 3.70 -5.83 -24.06
CA LYS A 103 3.33 -5.17 -25.30
C LYS A 103 2.57 -3.87 -25.02
N GLN A 104 1.73 -3.86 -23.98
CA GLN A 104 1.01 -2.63 -23.62
C GLN A 104 2.04 -1.54 -23.23
N ASN A 105 3.10 -1.95 -22.54
CA ASN A 105 4.11 -1.00 -22.08
C ASN A 105 4.95 -0.52 -23.27
N ASN A 106 5.33 -1.45 -24.17
CA ASN A 106 6.06 -1.05 -25.40
C ASN A 106 5.24 0.02 -26.15
N ASP A 107 3.98 -0.30 -26.42
CA ASP A 107 3.08 0.60 -27.16
C ASP A 107 2.84 1.93 -26.44
N GLY A 108 2.73 1.86 -25.12
CA GLY A 108 2.54 3.07 -24.30
C GLY A 108 3.68 4.06 -24.43
N ILE A 109 4.92 3.56 -24.42
CA ILE A 109 6.08 4.43 -24.58
C ILE A 109 6.13 5.03 -25.99
N LEU A 110 5.80 4.24 -27.02
CA LEU A 110 5.76 4.78 -28.38
C LEU A 110 4.79 5.97 -28.44
N TYR A 111 3.63 5.82 -27.80
CA TYR A 111 2.62 6.88 -27.73
C TYR A 111 3.15 8.10 -26.97
N LEU A 112 3.85 7.88 -25.85
CA LEU A 112 4.42 8.99 -25.07
C LEU A 112 5.44 9.77 -25.91
N PHE A 113 6.24 9.07 -26.72
CA PHE A 113 7.16 9.77 -27.62
C PHE A 113 6.40 10.62 -28.63
N LYS A 114 5.33 10.08 -29.19
CA LYS A 114 4.54 10.82 -30.18
C LYS A 114 3.92 12.06 -29.54
N LYS A 115 3.31 11.87 -28.37
CA LYS A 115 2.64 12.95 -27.61
C LYS A 115 3.59 14.09 -27.25
N ASN A 116 4.83 13.73 -26.89
CA ASN A 116 5.83 14.70 -26.48
C ASN A 116 6.76 15.18 -27.61
N LYS A 117 6.47 14.76 -28.86
CA LYS A 117 7.26 15.18 -30.03
C LYS A 117 8.72 14.68 -30.00
N VAL A 118 8.94 13.50 -29.42
CA VAL A 118 10.25 12.88 -29.41
C VAL A 118 10.30 12.07 -30.72
N THR A 119 11.36 12.29 -31.51
CA THR A 119 11.55 11.53 -32.73
C THR A 119 12.25 10.21 -32.38
N TYR A 120 11.54 9.12 -32.62
CA TYR A 120 12.03 7.79 -32.29
C TYR A 120 12.69 7.10 -33.48
N PHE A 121 13.86 6.51 -33.26
CA PHE A 121 14.58 5.76 -34.29
C PHE A 121 14.77 4.33 -33.76
N HIS A 122 14.19 3.36 -34.46
CA HIS A 122 14.33 1.97 -34.07
C HIS A 122 15.62 1.46 -34.74
N GLY A 123 16.69 1.39 -33.96
CA GLY A 123 17.97 0.95 -34.48
C GLY A 123 19.09 1.07 -33.47
N LYS A 124 20.30 0.80 -33.91
CA LYS A 124 21.47 0.87 -33.07
C LYS A 124 22.15 2.21 -33.28
N GLY A 125 22.34 2.98 -32.22
CA GLY A 125 23.01 4.30 -32.28
C GLY A 125 24.48 4.19 -31.89
N ALA A 126 25.35 4.91 -32.61
CA ALA A 126 26.79 4.89 -32.33
C ALA A 126 27.42 6.22 -32.62
N PHE A 127 28.46 6.55 -31.86
CA PHE A 127 29.22 7.77 -32.13
C PHE A 127 29.98 7.56 -33.42
N ALA A 128 30.06 8.60 -34.24
CA ALA A 128 30.87 8.55 -35.46
C ALA A 128 32.04 9.50 -35.27
N GLY A 129 31.78 10.63 -34.64
CA GLY A 129 32.83 11.62 -34.41
C GLY A 129 32.26 12.94 -33.92
N GLN A 130 33.17 13.86 -33.64
CA GLN A 130 32.80 15.17 -33.18
C GLN A 130 32.70 16.06 -34.42
N VAL A 131 31.69 16.91 -34.44
CA VAL A 131 31.50 17.86 -35.55
C VAL A 131 31.26 19.25 -34.96
N ASP A 132 31.10 20.24 -35.83
CA ASP A 132 30.89 21.63 -35.38
C ASP A 132 29.56 21.77 -34.63
N GLY A 133 28.48 21.23 -35.21
CA GLY A 133 27.14 21.24 -34.58
C GLY A 133 27.01 20.42 -33.29
N GLY A 134 28.08 19.69 -32.93
CA GLY A 134 28.11 18.87 -31.71
C GLY A 134 28.72 17.48 -31.94
N TRP A 135 27.85 16.46 -32.03
CA TRP A 135 28.25 15.06 -32.22
C TRP A 135 27.51 14.39 -33.37
N SER A 136 28.25 13.66 -34.21
CA SER A 136 27.68 12.90 -35.30
C SER A 136 27.33 11.53 -34.75
N ILE A 137 26.05 11.17 -34.81
CA ILE A 137 25.55 9.90 -34.31
C ILE A 137 24.95 9.15 -35.50
N LYS A 138 25.42 7.92 -35.69
CA LYS A 138 25.00 7.08 -36.80
C LYS A 138 24.04 6.01 -36.31
N VAL A 139 22.91 5.87 -37.00
CA VAL A 139 21.94 4.84 -36.67
C VAL A 139 22.02 3.78 -37.76
N THR A 140 22.12 2.52 -37.34
CA THR A 140 22.20 1.37 -38.26
C THR A 140 21.25 0.26 -37.83
N GLY A 141 21.21 -0.81 -38.62
CA GLY A 141 20.36 -1.97 -38.33
C GLY A 141 18.95 -1.79 -38.86
N THR A 142 17.96 -1.79 -37.97
CA THR A 142 16.56 -1.65 -38.36
C THR A 142 16.22 -0.27 -38.96
N THR A 143 17.09 0.70 -38.77
CA THR A 143 16.93 2.03 -39.36
C THR A 143 18.33 2.55 -39.74
N ASP A 144 18.42 3.26 -40.86
CA ASP A 144 19.64 3.94 -41.28
C ASP A 144 19.39 5.42 -41.16
N ALA A 145 20.27 6.11 -40.44
CA ALA A 145 20.17 7.58 -40.30
C ALA A 145 21.49 8.17 -39.83
N ASP A 146 21.71 9.45 -40.20
CA ASP A 146 22.89 10.21 -39.79
C ASP A 146 22.36 11.44 -39.07
N LEU A 147 22.57 11.49 -37.76
CA LEU A 147 22.08 12.56 -36.92
C LEU A 147 23.22 13.40 -36.34
N VAL A 148 22.88 14.65 -36.00
CA VAL A 148 23.81 15.56 -35.36
C VAL A 148 23.11 16.05 -34.10
N ALA A 149 23.81 15.95 -32.98
CA ALA A 149 23.27 16.35 -31.69
C ALA A 149 24.21 17.28 -30.94
N LYS A 150 23.67 18.31 -30.30
CA LYS A 150 24.48 19.19 -29.48
C LYS A 150 24.86 18.42 -28.20
N HIS A 151 23.90 17.72 -27.60
CA HIS A 151 24.09 16.93 -26.40
C HIS A 151 23.72 15.50 -26.68
N VAL A 152 24.47 14.57 -26.08
CA VAL A 152 24.17 13.16 -26.23
C VAL A 152 24.01 12.59 -24.84
N ILE A 153 22.97 11.78 -24.66
CA ILE A 153 22.73 11.09 -23.39
C ILE A 153 22.84 9.61 -23.68
N VAL A 154 23.86 8.98 -23.11
CA VAL A 154 24.10 7.55 -23.26
C VAL A 154 23.31 6.86 -22.15
N ALA A 155 22.34 6.03 -22.53
CA ALA A 155 21.49 5.28 -21.57
C ALA A 155 21.33 3.86 -22.11
N THR A 156 22.49 3.25 -22.37
CA THR A 156 22.55 1.94 -23.00
C THR A 156 22.30 0.74 -22.11
N GLY A 157 22.13 0.99 -20.83
CA GLY A 157 21.72 -0.06 -19.91
C GLY A 157 22.67 -1.17 -19.54
N SER A 158 22.09 -2.35 -19.35
CA SER A 158 22.85 -3.50 -18.92
C SER A 158 22.47 -4.79 -19.59
N SER A 159 23.26 -5.81 -19.29
N SER A 159 23.27 -5.81 -19.29
CA SER A 159 23.02 -7.17 -19.76
CA SER A 159 23.07 -7.17 -19.75
C SER A 159 23.26 -8.06 -18.55
C SER A 159 23.20 -8.05 -18.52
N ALA A 160 22.88 -9.32 -18.67
CA ALA A 160 22.99 -10.29 -17.58
C ALA A 160 24.43 -10.77 -17.38
N ARG A 161 24.91 -10.75 -16.13
CA ARG A 161 26.23 -11.27 -15.85
C ARG A 161 26.23 -12.80 -16.01
N GLU A 162 27.27 -13.32 -16.66
CA GLU A 162 27.44 -14.75 -16.90
C GLU A 162 28.53 -15.35 -16.05
N LEU A 163 28.40 -16.64 -15.77
CA LEU A 163 29.45 -17.37 -15.09
C LEU A 163 30.51 -17.72 -16.16
N PRO A 164 31.81 -17.60 -15.82
CA PRO A 164 32.85 -17.98 -16.78
C PRO A 164 32.66 -19.41 -17.27
N GLY A 165 32.77 -19.61 -18.57
CA GLY A 165 32.60 -20.94 -19.19
C GLY A 165 31.17 -21.45 -19.33
N LEU A 166 30.19 -20.70 -18.84
CA LEU A 166 28.79 -21.13 -18.91
C LEU A 166 27.93 -20.04 -19.53
N PRO A 167 27.95 -19.94 -20.87
CA PRO A 167 27.15 -18.91 -21.54
C PRO A 167 25.68 -19.25 -21.48
N PHE A 168 24.84 -18.21 -21.54
CA PHE A 168 23.40 -18.40 -21.54
C PHE A 168 22.94 -18.92 -22.89
N ASP A 169 21.96 -19.82 -22.88
CA ASP A 169 21.33 -20.29 -24.13
C ASP A 169 19.81 -20.07 -24.10
N GLU A 170 19.30 -19.68 -22.93
CA GLU A 170 17.88 -19.41 -22.72
C GLU A 170 16.98 -20.63 -23.05
N LYS A 171 17.55 -21.82 -22.92
CA LYS A 171 16.84 -23.08 -23.10
C LYS A 171 17.05 -23.90 -21.83
N ASN A 172 18.31 -24.15 -21.50
N ASN A 172 18.30 -24.21 -21.50
CA ASN A 172 18.70 -24.93 -20.31
CA ASN A 172 18.63 -24.93 -20.25
C ASN A 172 19.35 -24.04 -19.26
C ASN A 172 19.35 -24.03 -19.23
N ILE A 173 20.22 -23.13 -19.70
CA ILE A 173 20.93 -22.18 -18.83
C ILE A 173 20.26 -20.84 -19.10
N LEU A 174 19.50 -20.39 -18.11
CA LEU A 174 18.68 -19.20 -18.29
C LEU A 174 19.13 -17.99 -17.50
N SER A 175 19.02 -16.81 -18.14
CA SER A 175 19.24 -15.54 -17.46
C SER A 175 17.83 -15.08 -17.07
N ASN A 176 17.71 -13.80 -16.73
CA ASN A 176 16.39 -13.21 -16.47
C ASN A 176 15.47 -13.40 -17.67
N ASP A 177 16.03 -13.37 -18.88
CA ASP A 177 15.27 -13.54 -20.12
C ASP A 177 14.56 -14.89 -20.12
N GLY A 178 15.34 -15.96 -20.07
CA GLY A 178 14.79 -17.32 -20.09
C GLY A 178 13.92 -17.62 -18.89
N ALA A 179 14.24 -17.03 -17.75
CA ALA A 179 13.48 -17.26 -16.52
C ALA A 179 12.02 -16.83 -16.62
N LEU A 180 11.74 -15.83 -17.46
CA LEU A 180 10.39 -15.31 -17.63
C LEU A 180 9.61 -15.97 -18.76
N ASN A 181 10.21 -16.99 -19.40
CA ASN A 181 9.60 -17.66 -20.56
C ASN A 181 9.68 -19.18 -20.57
N ILE A 182 9.93 -19.80 -19.42
CA ILE A 182 10.05 -21.27 -19.40
C ILE A 182 8.71 -21.86 -19.93
N GLY A 183 8.78 -22.81 -20.85
CA GLY A 183 7.57 -23.38 -21.48
C GLY A 183 6.77 -24.39 -20.67
N ALA A 184 7.38 -24.93 -19.62
CA ALA A 184 6.74 -25.89 -18.76
C ALA A 184 7.36 -25.73 -17.38
N VAL A 185 6.59 -25.99 -16.34
CA VAL A 185 7.12 -25.88 -14.98
C VAL A 185 8.16 -27.00 -14.79
N PRO A 186 9.42 -26.63 -14.51
CA PRO A 186 10.42 -27.69 -14.29
C PRO A 186 10.18 -28.41 -12.98
N LYS A 187 10.35 -29.73 -12.97
CA LYS A 187 10.16 -30.49 -11.73
C LYS A 187 11.18 -30.05 -10.68
N LYS A 188 12.41 -29.83 -11.13
CA LYS A 188 13.49 -29.34 -10.27
C LYS A 188 14.19 -28.16 -10.92
N LEU A 189 14.19 -27.03 -10.21
CA LEU A 189 14.80 -25.80 -10.68
C LEU A 189 15.95 -25.41 -9.77
N GLY A 190 17.08 -25.08 -10.38
CA GLY A 190 18.25 -24.63 -9.65
C GLY A 190 18.36 -23.15 -9.97
N VAL A 191 18.79 -22.36 -8.99
CA VAL A 191 19.02 -20.93 -9.18
C VAL A 191 20.39 -20.60 -8.58
N ILE A 192 21.27 -19.97 -9.35
CA ILE A 192 22.56 -19.54 -8.84
C ILE A 192 22.38 -18.06 -8.56
N GLY A 193 22.50 -17.68 -7.28
CA GLY A 193 22.34 -16.29 -6.87
C GLY A 193 21.09 -16.11 -6.01
N ALA A 194 21.29 -15.74 -4.75
CA ALA A 194 20.19 -15.53 -3.79
C ALA A 194 19.92 -14.05 -3.54
N GLY A 195 20.20 -13.20 -4.53
CA GLY A 195 19.89 -11.78 -4.42
C GLY A 195 18.44 -11.55 -4.83
N VAL A 196 18.08 -10.28 -5.06
CA VAL A 196 16.70 -9.89 -5.40
C VAL A 196 16.07 -10.69 -6.54
N ILE A 197 16.71 -10.71 -7.71
CA ILE A 197 16.16 -11.42 -8.85
C ILE A 197 16.06 -12.93 -8.62
N GLY A 198 17.11 -13.52 -8.03
CA GLY A 198 17.11 -14.95 -7.75
C GLY A 198 15.96 -15.35 -6.81
N LEU A 199 15.71 -14.53 -5.79
CA LEU A 199 14.63 -14.81 -4.83
C LEU A 199 13.26 -14.67 -5.50
N GLU A 200 13.11 -13.63 -6.33
CA GLU A 200 11.86 -13.40 -7.04
C GLU A 200 11.61 -14.52 -8.05
N MET A 201 12.59 -14.87 -8.87
CA MET A 201 12.42 -15.91 -9.89
C MET A 201 12.22 -17.29 -9.25
N GLY A 202 12.95 -17.56 -8.18
CA GLY A 202 12.80 -18.81 -7.44
C GLY A 202 11.38 -18.94 -6.87
N SER A 203 10.87 -17.83 -6.36
CA SER A 203 9.51 -17.82 -5.77
C SER A 203 8.46 -18.08 -6.83
N VAL A 204 8.60 -17.45 -7.99
CA VAL A 204 7.63 -17.64 -9.08
C VAL A 204 7.49 -19.12 -9.39
N TRP A 205 8.60 -19.74 -9.76
CA TRP A 205 8.55 -21.14 -10.17
C TRP A 205 8.26 -22.12 -9.06
N ARG A 206 8.63 -21.80 -7.82
CA ARG A 206 8.28 -22.67 -6.70
C ARG A 206 6.74 -22.70 -6.55
N ARG A 207 6.11 -21.53 -6.59
CA ARG A 207 4.63 -21.44 -6.46
C ARG A 207 3.92 -22.21 -7.56
N LEU A 208 4.51 -22.23 -8.75
CA LEU A 208 3.90 -22.91 -9.87
C LEU A 208 4.15 -24.43 -9.88
N GLY A 209 4.89 -24.96 -8.90
CA GLY A 209 5.10 -26.40 -8.82
C GLY A 209 6.52 -26.95 -8.83
N ALA A 210 7.53 -26.11 -9.00
CA ALA A 210 8.91 -26.61 -9.04
C ALA A 210 9.54 -26.78 -7.67
N GLU A 211 10.45 -27.75 -7.54
N GLU A 211 10.47 -27.74 -7.55
CA GLU A 211 11.22 -27.92 -6.31
CA GLU A 211 11.25 -27.92 -6.33
C GLU A 211 12.47 -27.05 -6.55
C GLU A 211 12.44 -27.02 -6.58
N VAL A 212 12.62 -26.00 -5.76
CA VAL A 212 13.68 -25.01 -5.96
C VAL A 212 14.80 -25.04 -4.95
N THR A 213 16.02 -24.95 -5.48
CA THR A 213 17.23 -24.92 -4.71
C THR A 213 17.99 -23.70 -5.18
N ILE A 214 18.37 -22.83 -4.26
CA ILE A 214 19.10 -21.61 -4.57
C ILE A 214 20.49 -21.70 -3.95
N LEU A 215 21.53 -21.52 -4.78
CA LEU A 215 22.92 -21.59 -4.33
C LEU A 215 23.53 -20.21 -4.44
N GLU A 216 24.17 -19.76 -3.35
CA GLU A 216 24.80 -18.44 -3.30
C GLU A 216 26.24 -18.51 -2.75
N ALA A 217 27.17 -17.93 -3.51
CA ALA A 217 28.58 -17.91 -3.16
C ALA A 217 28.87 -17.02 -1.95
N MET A 218 28.21 -15.86 -1.87
CA MET A 218 28.41 -14.93 -0.74
C MET A 218 27.95 -15.58 0.57
N PRO A 219 28.74 -15.44 1.65
CA PRO A 219 28.38 -16.07 2.92
C PRO A 219 27.21 -15.43 3.65
N GLU A 220 26.93 -14.16 3.39
CA GLU A 220 25.85 -13.46 4.07
C GLU A 220 24.63 -13.32 3.17
N PHE A 221 23.44 -13.64 3.69
CA PHE A 221 22.18 -13.51 2.94
C PHE A 221 21.70 -12.07 3.00
N LEU A 222 21.40 -11.49 1.84
CA LEU A 222 20.91 -10.10 1.74
C LEU A 222 21.69 -9.15 2.65
N ALA A 223 23.00 -9.13 2.47
CA ALA A 223 23.91 -8.30 3.25
C ALA A 223 23.56 -6.82 3.22
N ALA A 224 23.00 -6.35 2.11
CA ALA A 224 22.69 -4.93 1.97
C ALA A 224 21.48 -4.49 2.80
N ALA A 225 20.63 -5.44 3.17
CA ALA A 225 19.42 -5.14 3.95
C ALA A 225 19.70 -5.14 5.44
N ASP A 226 18.74 -4.61 6.20
CA ASP A 226 18.79 -4.60 7.65
C ASP A 226 18.89 -6.08 8.07
N GLN A 227 19.79 -6.41 9.01
N GLN A 227 19.75 -6.36 9.06
CA GLN A 227 19.99 -7.82 9.41
CA GLN A 227 19.98 -7.72 9.56
C GLN A 227 18.75 -8.52 9.99
C GLN A 227 18.74 -8.45 10.04
N GLN A 228 17.91 -7.79 10.71
N GLN A 228 17.86 -7.75 10.76
CA GLN A 228 16.68 -8.39 11.23
CA GLN A 228 16.64 -8.36 11.24
C GLN A 228 15.72 -8.70 10.07
C GLN A 228 15.69 -8.68 10.08
N VAL A 229 15.72 -7.84 9.05
CA VAL A 229 14.89 -8.08 7.84
C VAL A 229 15.43 -9.29 7.09
N ALA A 230 16.74 -9.35 6.94
CA ALA A 230 17.38 -10.49 6.26
C ALA A 230 17.07 -11.80 6.98
N LYS A 231 17.15 -11.77 8.31
CA LYS A 231 16.89 -12.97 9.12
C LYS A 231 15.45 -13.48 8.99
N GLU A 232 14.48 -12.58 9.07
CA GLU A 232 13.06 -12.96 8.96
C GLU A 232 12.76 -13.45 7.55
N ALA A 233 13.34 -12.78 6.57
CA ALA A 233 13.14 -13.17 5.18
C ALA A 233 13.60 -14.62 4.95
N LEU A 234 14.80 -14.93 5.43
CA LEU A 234 15.36 -16.29 5.26
C LEU A 234 14.44 -17.32 5.89
N LYS A 235 13.91 -16.98 7.07
CA LYS A 235 12.97 -17.85 7.78
C LYS A 235 11.68 -18.07 6.96
N SER A 236 11.11 -16.98 6.42
CA SER A 236 9.91 -17.08 5.57
C SER A 236 10.16 -17.92 4.33
N PHE A 237 11.24 -17.62 3.61
CA PHE A 237 11.54 -18.34 2.37
C PHE A 237 11.79 -19.82 2.62
N ALA A 238 12.46 -20.14 3.73
CA ALA A 238 12.71 -21.54 4.08
C ALA A 238 11.38 -22.25 4.31
N LYS A 239 10.49 -21.59 5.07
CA LYS A 239 9.16 -22.15 5.34
C LYS A 239 8.39 -22.39 4.04
N GLN A 240 8.47 -21.45 3.11
CA GLN A 240 7.78 -21.56 1.81
C GLN A 240 8.28 -22.69 0.92
N GLY A 241 9.50 -23.15 1.18
CA GLY A 241 10.09 -24.24 0.38
C GLY A 241 11.32 -23.87 -0.42
N LEU A 242 11.79 -22.63 -0.33
CA LEU A 242 13.03 -22.24 -1.02
C LEU A 242 14.23 -22.71 -0.22
N ASP A 243 14.95 -23.69 -0.76
CA ASP A 243 16.15 -24.20 -0.10
C ASP A 243 17.29 -23.29 -0.53
N ILE A 244 17.61 -22.34 0.34
CA ILE A 244 18.65 -21.36 0.10
C ILE A 244 19.90 -21.78 0.86
N GLN A 245 21.00 -21.93 0.12
CA GLN A 245 22.30 -22.27 0.72
C GLN A 245 23.27 -21.17 0.36
N THR A 246 23.85 -20.53 1.38
CA THR A 246 24.82 -19.47 1.19
C THR A 246 26.24 -19.97 1.50
N GLY A 247 27.25 -19.21 1.07
CA GLY A 247 28.65 -19.57 1.33
C GLY A 247 29.13 -20.85 0.64
N VAL A 248 28.53 -21.19 -0.50
CA VAL A 248 28.91 -22.40 -1.23
C VAL A 248 29.95 -22.06 -2.30
N LYS A 249 30.73 -23.05 -2.72
CA LYS A 249 31.71 -22.84 -3.79
C LYS A 249 31.22 -23.67 -4.97
N ILE A 250 30.79 -22.99 -6.01
CA ILE A 250 30.25 -23.63 -7.21
C ILE A 250 31.35 -24.07 -8.15
N GLY A 251 31.29 -25.33 -8.58
CA GLY A 251 32.27 -25.90 -9.51
C GLY A 251 31.85 -25.68 -10.95
N GLU A 252 32.26 -26.60 -11.82
CA GLU A 252 31.95 -26.52 -13.25
C GLU A 252 30.62 -27.17 -13.58
N ILE A 253 29.65 -26.33 -13.96
CA ILE A 253 28.29 -26.75 -14.30
C ILE A 253 28.25 -27.34 -15.70
N LYS A 254 27.57 -28.48 -15.84
CA LYS A 254 27.42 -29.18 -17.12
C LYS A 254 25.97 -29.52 -17.39
N ALA A 255 25.51 -29.14 -18.57
CA ALA A 255 24.16 -29.43 -19.02
C ALA A 255 24.25 -30.51 -20.09
N ALA A 256 23.42 -31.54 -19.95
CA ALA A 256 23.40 -32.64 -20.92
C ALA A 256 22.13 -33.46 -20.77
N ALA A 257 21.57 -33.86 -21.91
CA ALA A 257 20.37 -34.71 -21.96
C ALA A 257 19.20 -34.21 -21.11
N LYS A 258 18.79 -32.97 -21.34
CA LYS A 258 17.65 -32.35 -20.64
C LYS A 258 17.87 -32.20 -19.13
N SER A 259 19.12 -32.36 -18.68
CA SER A 259 19.45 -32.24 -17.26
C SER A 259 20.71 -31.40 -17.06
N ILE A 260 20.84 -30.81 -15.89
CA ILE A 260 21.97 -29.94 -15.54
C ILE A 260 22.53 -30.33 -14.18
N THR A 261 23.83 -30.57 -14.13
CA THR A 261 24.50 -30.94 -12.88
C THR A 261 25.33 -29.77 -12.40
N VAL A 262 25.12 -29.39 -11.14
CA VAL A 262 25.86 -28.32 -10.51
C VAL A 262 26.65 -28.90 -9.36
N PRO A 263 27.95 -29.14 -9.57
CA PRO A 263 28.75 -29.61 -8.46
C PRO A 263 29.08 -28.41 -7.58
N TYR A 264 29.08 -28.60 -6.26
CA TYR A 264 29.44 -27.54 -5.36
C TYR A 264 29.93 -28.10 -4.05
N VAL A 265 30.61 -27.25 -3.28
CA VAL A 265 31.08 -27.60 -1.97
C VAL A 265 30.25 -26.72 -1.05
N ASP A 266 29.49 -27.35 -0.15
CA ASP A 266 28.64 -26.59 0.78
C ASP A 266 29.49 -25.81 1.80
N ALA A 267 28.83 -25.00 2.62
CA ALA A 267 29.51 -24.16 3.62
C ALA A 267 30.25 -24.95 4.68
N LYS A 268 30.01 -26.26 4.76
CA LYS A 268 30.69 -27.12 5.74
C LYS A 268 31.78 -28.01 5.13
N GLY A 269 32.18 -27.69 3.90
CA GLY A 269 33.28 -28.37 3.21
C GLY A 269 32.99 -29.69 2.52
N ALA A 270 31.72 -30.09 2.47
CA ALA A 270 31.33 -31.37 1.84
C ALA A 270 30.93 -31.20 0.39
N GLU A 271 31.42 -32.08 -0.49
CA GLU A 271 31.05 -32.01 -1.91
C GLU A 271 29.58 -32.39 -2.04
N GLN A 272 28.90 -31.76 -2.98
CA GLN A 272 27.51 -32.05 -3.26
C GLN A 272 27.31 -31.92 -4.76
N LYS A 273 26.16 -32.39 -5.22
CA LYS A 273 25.78 -32.29 -6.62
C LYS A 273 24.31 -32.00 -6.69
N LEU A 274 23.97 -30.88 -7.31
CA LEU A 274 22.60 -30.49 -7.51
C LEU A 274 22.25 -30.88 -8.94
N VAL A 275 21.22 -31.71 -9.11
CA VAL A 275 20.78 -32.14 -10.43
C VAL A 275 19.37 -31.57 -10.66
N VAL A 276 19.25 -30.69 -11.66
CA VAL A 276 18.00 -30.01 -11.96
C VAL A 276 17.64 -30.06 -13.43
N ASP A 277 16.38 -29.75 -13.72
CA ASP A 277 15.85 -29.77 -15.09
C ASP A 277 16.14 -28.47 -15.83
N LYS A 278 16.18 -27.37 -15.09
CA LYS A 278 16.50 -26.04 -15.66
C LYS A 278 17.34 -25.30 -14.62
N LEU A 279 18.16 -24.36 -15.09
CA LEU A 279 19.01 -23.59 -14.21
C LEU A 279 18.92 -22.11 -14.56
N ILE A 280 18.60 -21.30 -13.57
CA ILE A 280 18.58 -19.86 -13.71
C ILE A 280 19.86 -19.34 -13.07
N VAL A 281 20.59 -18.48 -13.77
CA VAL A 281 21.79 -17.87 -13.20
C VAL A 281 21.48 -16.39 -13.09
N SER A 282 21.39 -15.90 -11.85
N SER A 282 21.42 -15.88 -11.86
CA SER A 282 21.10 -14.49 -11.54
CA SER A 282 21.15 -14.48 -11.59
C SER A 282 22.18 -13.99 -10.59
C SER A 282 22.18 -13.99 -10.61
N ILE A 283 23.34 -13.62 -11.13
CA ILE A 283 24.48 -13.17 -10.32
C ILE A 283 24.88 -11.71 -10.56
N GLY A 284 23.95 -10.91 -11.05
CA GLY A 284 24.24 -9.51 -11.29
C GLY A 284 24.03 -9.04 -12.71
N ARG A 285 24.21 -7.73 -12.88
CA ARG A 285 24.00 -7.07 -14.16
C ARG A 285 25.27 -6.33 -14.53
N VAL A 286 25.62 -6.34 -15.80
CA VAL A 286 26.85 -5.66 -16.24
C VAL A 286 26.49 -4.58 -17.25
N PRO A 287 27.22 -3.43 -17.20
CA PRO A 287 26.93 -2.32 -18.09
C PRO A 287 27.16 -2.68 -19.56
N TYR A 288 26.24 -2.24 -20.42
CA TYR A 288 26.28 -2.55 -21.84
C TYR A 288 26.51 -1.32 -22.69
N THR A 289 27.51 -1.42 -23.58
CA THR A 289 27.84 -0.37 -24.54
C THR A 289 28.19 -1.00 -25.89
N GLY A 290 27.68 -2.21 -26.12
CA GLY A 290 27.93 -2.92 -27.37
C GLY A 290 27.48 -2.11 -28.56
N GLY A 291 28.38 -1.95 -29.53
CA GLY A 291 28.07 -1.18 -30.73
C GLY A 291 27.95 0.34 -30.59
N LEU A 292 28.27 0.89 -29.42
CA LEU A 292 28.21 2.34 -29.18
C LEU A 292 29.35 3.11 -29.87
N ASN A 293 30.43 2.41 -30.17
CA ASN A 293 31.63 2.98 -30.79
C ASN A 293 32.27 4.04 -29.91
N ALA A 294 32.41 3.72 -28.63
CA ALA A 294 33.05 4.61 -27.67
C ALA A 294 34.50 4.97 -28.09
N GLU A 295 35.19 4.03 -28.72
CA GLU A 295 36.58 4.23 -29.15
C GLU A 295 36.73 5.32 -30.22
N ALA A 296 35.74 5.45 -31.10
CA ALA A 296 35.79 6.48 -32.16
C ALA A 296 35.93 7.90 -31.61
N VAL A 297 35.32 8.16 -30.46
CA VAL A 297 35.35 9.48 -29.84
C VAL A 297 36.13 9.53 -28.52
N GLY A 298 36.69 8.39 -28.11
CA GLY A 298 37.45 8.34 -26.87
C GLY A 298 36.62 8.45 -25.61
N LEU A 299 35.37 7.96 -25.66
CA LEU A 299 34.51 7.98 -24.48
C LEU A 299 35.11 7.02 -23.46
N LYS A 300 35.37 7.53 -22.25
CA LYS A 300 36.02 6.72 -21.22
C LYS A 300 35.09 5.79 -20.47
N LEU A 301 35.48 4.52 -20.43
CA LEU A 301 34.78 3.47 -19.69
C LEU A 301 35.71 2.97 -18.60
N ASP A 302 35.13 2.47 -17.51
CA ASP A 302 35.94 1.95 -16.43
C ASP A 302 36.28 0.46 -16.69
N GLU A 303 36.97 -0.16 -15.75
CA GLU A 303 37.44 -1.55 -15.89
C GLU A 303 36.36 -2.64 -15.92
N ARG A 304 35.13 -2.27 -15.54
CA ARG A 304 33.97 -3.16 -15.60
C ARG A 304 33.09 -2.89 -16.82
N GLY A 305 33.35 -1.78 -17.52
CA GLY A 305 32.59 -1.37 -18.70
C GLY A 305 31.58 -0.25 -18.46
N PHE A 306 31.55 0.31 -17.25
CA PHE A 306 30.63 1.41 -16.98
C PHE A 306 31.15 2.66 -17.64
N VAL A 307 30.24 3.52 -18.12
CA VAL A 307 30.66 4.82 -18.66
C VAL A 307 31.05 5.65 -17.42
N ALA A 308 32.25 6.23 -17.45
CA ALA A 308 32.73 7.01 -16.32
C ALA A 308 32.02 8.35 -16.33
N VAL A 309 31.56 8.78 -15.17
CA VAL A 309 30.86 10.06 -15.07
C VAL A 309 31.19 10.74 -13.76
N ASP A 310 30.96 12.05 -13.73
CA ASP A 310 31.13 12.82 -12.50
C ASP A 310 29.81 12.79 -11.72
N GLU A 311 29.74 13.58 -10.66
CA GLU A 311 28.54 13.61 -9.83
C GLU A 311 27.26 14.07 -10.55
N ASP A 312 27.42 14.80 -11.66
CA ASP A 312 26.28 15.30 -12.45
C ASP A 312 25.99 14.47 -13.70
N CYS A 313 26.52 13.25 -13.73
CA CYS A 313 26.37 12.34 -14.90
C CYS A 313 27.04 12.83 -16.19
N LYS A 314 28.04 13.70 -16.06
CA LYS A 314 28.82 14.16 -17.23
C LYS A 314 29.99 13.21 -17.50
N THR A 315 30.17 12.82 -18.75
CA THR A 315 31.31 11.98 -19.16
C THR A 315 32.55 12.85 -19.40
N ASN A 316 33.61 12.23 -19.95
CA ASN A 316 34.82 12.97 -20.26
C ASN A 316 34.68 13.79 -21.56
N LEU A 317 33.60 13.59 -22.32
CA LEU A 317 33.40 14.31 -23.57
C LEU A 317 32.42 15.46 -23.39
N PRO A 318 32.73 16.63 -23.97
CA PRO A 318 31.84 17.78 -23.74
C PRO A 318 30.41 17.57 -24.29
N ASN A 319 29.42 17.83 -23.43
CA ASN A 319 28.01 17.67 -23.76
C ASN A 319 27.56 16.23 -24.00
N VAL A 320 28.35 15.28 -23.51
CA VAL A 320 27.98 13.87 -23.54
C VAL A 320 27.76 13.45 -22.10
N TRP A 321 26.57 12.91 -21.82
CA TRP A 321 26.16 12.51 -20.50
C TRP A 321 25.84 11.04 -20.52
N ALA A 322 25.77 10.42 -19.35
CA ALA A 322 25.41 8.99 -19.27
C ALA A 322 24.62 8.75 -18.00
N VAL A 323 23.55 7.94 -18.10
CA VAL A 323 22.64 7.70 -16.99
C VAL A 323 22.20 6.25 -16.91
N GLY A 324 21.65 5.88 -15.76
CA GLY A 324 21.07 4.56 -15.54
C GLY A 324 22.03 3.43 -15.22
N ASP A 325 21.68 2.22 -15.65
CA ASP A 325 22.50 1.04 -15.36
C ASP A 325 23.92 1.12 -15.92
N VAL A 326 24.13 1.93 -16.97
CA VAL A 326 25.45 2.01 -17.60
C VAL A 326 26.47 2.83 -16.79
N VAL A 327 26.01 3.49 -15.70
CA VAL A 327 26.90 4.27 -14.84
C VAL A 327 26.78 3.82 -13.37
N ARG A 328 27.68 4.34 -12.56
CA ARG A 328 27.72 3.99 -11.15
C ARG A 328 26.41 4.31 -10.46
N GLY A 329 26.18 3.58 -9.37
CA GLY A 329 25.03 3.76 -8.54
C GLY A 329 24.07 2.59 -8.59
N PRO A 330 22.99 2.66 -7.80
CA PRO A 330 21.99 1.58 -7.75
C PRO A 330 21.44 1.25 -9.13
N MET A 331 21.52 -0.03 -9.54
CA MET A 331 21.03 -0.49 -10.85
C MET A 331 19.54 -0.80 -10.70
N LEU A 332 18.76 0.27 -10.71
CA LEU A 332 17.32 0.24 -10.48
C LEU A 332 16.63 1.16 -11.48
N ALA A 333 15.38 0.84 -11.80
CA ALA A 333 14.62 1.65 -12.78
C ALA A 333 14.38 3.07 -12.35
N HIS A 334 13.95 3.25 -11.11
CA HIS A 334 13.67 4.60 -10.60
C HIS A 334 14.95 5.43 -10.47
N LYS A 335 16.09 4.76 -10.28
CA LYS A 335 17.38 5.46 -10.22
C LYS A 335 17.70 6.00 -11.59
N ALA A 336 17.53 5.16 -12.62
CA ALA A 336 17.77 5.58 -13.99
C ALA A 336 16.86 6.75 -14.37
N GLU A 337 15.59 6.66 -13.99
CA GLU A 337 14.64 7.75 -14.28
C GLU A 337 15.06 9.06 -13.60
N GLU A 338 15.49 8.95 -12.34
CA GLU A 338 15.93 10.12 -11.57
C GLU A 338 17.08 10.84 -12.30
N GLU A 339 18.04 10.05 -12.79
CA GLU A 339 19.17 10.59 -13.51
C GLU A 339 18.79 11.14 -14.88
N GLY A 340 17.90 10.46 -15.59
CA GLY A 340 17.44 10.95 -16.92
C GLY A 340 16.77 12.31 -16.79
N VAL A 341 15.88 12.42 -15.82
CA VAL A 341 15.23 13.70 -15.54
C VAL A 341 16.26 14.76 -15.16
N ALA A 342 17.19 14.40 -14.26
CA ALA A 342 18.18 15.39 -13.79
C ALA A 342 19.06 15.90 -14.93
N VAL A 343 19.48 14.99 -15.81
CA VAL A 343 20.35 15.39 -16.93
C VAL A 343 19.58 16.28 -17.91
N ALA A 344 18.33 15.95 -18.22
CA ALA A 344 17.53 16.81 -19.12
C ALA A 344 17.37 18.19 -18.49
N GLU A 345 17.16 18.22 -17.18
CA GLU A 345 17.00 19.49 -16.49
C GLU A 345 18.31 20.31 -16.51
N ARG A 346 19.45 19.63 -16.31
CA ARG A 346 20.77 20.27 -16.37
C ARG A 346 21.07 20.82 -17.77
N ILE A 347 20.72 20.05 -18.80
CA ILE A 347 20.91 20.51 -20.18
C ILE A 347 20.10 21.81 -20.41
N ALA A 348 18.89 21.86 -19.85
CA ALA A 348 18.01 23.04 -19.94
C ALA A 348 18.46 24.22 -19.07
N GLY A 349 19.50 24.04 -18.24
CA GLY A 349 20.03 25.11 -17.41
C GLY A 349 19.65 25.07 -15.94
N GLN A 350 18.95 24.03 -15.52
CA GLN A 350 18.52 23.89 -14.11
C GLN A 350 19.55 23.10 -13.32
N HIS A 351 19.38 23.03 -12.00
CA HIS A 351 20.34 22.36 -11.12
C HIS A 351 20.30 20.82 -11.18
N GLY A 352 19.10 20.26 -11.24
CA GLY A 352 18.92 18.81 -11.24
C GLY A 352 19.07 18.29 -9.82
N HIS A 353 18.51 17.11 -9.54
CA HIS A 353 18.60 16.52 -8.21
C HIS A 353 18.57 15.00 -8.27
N VAL A 354 19.64 14.39 -7.75
CA VAL A 354 19.77 12.95 -7.65
C VAL A 354 20.44 12.66 -6.32
N ASN A 355 19.73 11.95 -5.45
CA ASN A 355 20.25 11.62 -4.14
C ASN A 355 20.10 10.12 -3.87
N PHE A 356 21.22 9.41 -3.98
CA PHE A 356 21.19 7.96 -3.75
C PHE A 356 20.82 7.60 -2.32
N ALA A 357 21.03 8.50 -1.38
CA ALA A 357 20.70 8.21 0.03
C ALA A 357 19.21 7.96 0.27
N THR A 358 18.35 8.53 -0.59
CA THR A 358 16.89 8.35 -0.47
C THR A 358 16.29 7.47 -1.58
N VAL A 359 17.11 6.66 -2.22
CA VAL A 359 16.63 5.77 -3.28
C VAL A 359 16.15 4.49 -2.58
N PRO A 360 14.85 4.13 -2.76
CA PRO A 360 14.33 2.93 -2.13
C PRO A 360 14.71 1.66 -2.85
N TRP A 361 14.85 0.57 -2.09
CA TRP A 361 15.12 -0.77 -2.60
C TRP A 361 13.90 -1.62 -2.28
N VAL A 362 13.47 -2.42 -3.23
CA VAL A 362 12.29 -3.24 -3.09
C VAL A 362 12.48 -4.65 -3.64
N ILE A 363 11.93 -5.62 -2.90
CA ILE A 363 11.94 -7.03 -3.29
C ILE A 363 10.47 -7.44 -3.29
N TYR A 364 9.97 -7.84 -4.46
CA TYR A 364 8.56 -8.15 -4.62
C TYR A 364 8.16 -9.61 -4.33
N THR A 365 8.88 -10.23 -3.41
CA THR A 365 8.57 -11.56 -2.93
C THR A 365 7.33 -11.48 -2.01
N SER A 366 6.97 -12.60 -1.39
CA SER A 366 5.92 -12.62 -0.41
C SER A 366 6.58 -13.29 0.80
N PRO A 367 6.80 -12.57 1.92
CA PRO A 367 6.46 -11.16 2.09
C PRO A 367 7.33 -10.23 1.25
N GLU A 368 6.83 -9.02 1.02
CA GLU A 368 7.60 -8.03 0.28
C GLU A 368 8.61 -7.45 1.26
N ILE A 369 9.66 -6.86 0.70
CA ILE A 369 10.71 -6.24 1.46
C ILE A 369 10.99 -4.93 0.79
N ALA A 370 11.04 -3.86 1.58
CA ALA A 370 11.32 -2.54 1.06
C ALA A 370 12.06 -1.72 2.10
N TRP A 371 13.06 -0.95 1.67
CA TRP A 371 13.80 -0.11 2.61
C TRP A 371 14.38 1.11 1.94
N VAL A 372 14.69 2.09 2.76
CA VAL A 372 15.32 3.31 2.27
C VAL A 372 16.27 3.82 3.37
N GLY A 373 17.39 4.37 2.94
CA GLY A 373 18.35 4.91 3.91
C GLY A 373 19.32 3.89 4.48
N LYS A 374 19.84 4.20 5.66
CA LYS A 374 20.87 3.38 6.30
C LYS A 374 20.39 2.29 7.24
N THR A 375 21.21 1.26 7.35
CA THR A 375 20.95 0.15 8.25
C THR A 375 21.68 0.41 9.56
N GLU A 376 21.31 -0.32 10.60
CA GLU A 376 21.99 -0.20 11.89
C GLU A 376 23.50 -0.47 11.76
N GLN A 377 23.86 -1.47 10.96
CA GLN A 377 25.27 -1.84 10.75
C GLN A 377 26.11 -0.70 10.11
N GLN A 378 25.52 0.01 9.16
CA GLN A 378 26.22 1.14 8.53
C GLN A 378 26.43 2.29 9.51
N LEU A 379 25.41 2.57 10.32
CA LEU A 379 25.48 3.64 11.30
C LEU A 379 26.51 3.34 12.40
N LYS A 380 26.59 2.09 12.83
CA LYS A 380 27.59 1.68 13.82
C LYS A 380 28.98 1.94 13.26
N ALA A 381 29.19 1.53 12.01
CA ALA A 381 30.47 1.70 11.32
C ALA A 381 30.94 3.15 11.26
N GLU A 382 30.04 4.08 10.95
CA GLU A 382 30.43 5.52 10.88
C GLU A 382 30.40 6.21 12.25
N GLY A 383 30.01 5.46 13.28
CA GLY A 383 29.96 5.99 14.63
C GLY A 383 28.89 7.04 14.88
N ARG A 384 27.80 6.98 14.11
N ARG A 384 27.79 6.98 14.12
CA ARG A 384 26.69 7.93 14.29
CA ARG A 384 26.68 7.94 14.27
C ARG A 384 25.70 7.28 15.24
C ARG A 384 25.63 7.32 15.20
N GLU A 385 25.46 7.92 16.37
CA GLU A 385 24.53 7.42 17.39
C GLU A 385 23.09 7.47 16.87
N TYR A 386 22.38 6.35 17.02
CA TYR A 386 21.00 6.24 16.56
C TYR A 386 20.09 5.56 17.58
N LYS A 387 18.80 5.52 17.24
CA LYS A 387 17.76 4.90 18.02
C LYS A 387 16.87 4.17 17.03
N ALA A 388 16.60 2.88 17.28
CA ALA A 388 15.79 2.08 16.39
C ALA A 388 14.53 1.64 17.09
N GLY A 389 13.45 1.55 16.34
CA GLY A 389 12.17 1.10 16.87
C GLY A 389 11.48 0.26 15.82
N SER A 390 10.85 -0.83 16.24
CA SER A 390 10.10 -1.65 15.30
C SER A 390 8.75 -2.06 15.88
N PHE A 391 7.87 -2.47 14.98
CA PHE A 391 6.52 -2.89 15.29
C PHE A 391 6.16 -4.05 14.36
N PRO A 392 5.61 -5.14 14.93
CA PRO A 392 5.27 -6.31 14.12
C PRO A 392 3.88 -6.24 13.51
N PHE A 393 3.73 -6.76 12.28
CA PHE A 393 2.41 -6.78 11.63
C PHE A 393 1.40 -7.66 12.38
N MET A 394 1.90 -8.55 13.24
CA MET A 394 1.03 -9.41 14.05
C MET A 394 0.16 -8.56 14.98
N ALA A 395 0.64 -7.36 15.32
CA ALA A 395 -0.10 -6.44 16.19
C ALA A 395 -0.84 -5.33 15.39
N ASN A 396 -0.89 -5.47 14.06
CA ASN A 396 -1.56 -4.49 13.20
C ASN A 396 -2.93 -5.02 12.77
N GLY A 397 -3.96 -4.21 13.00
CA GLY A 397 -5.35 -4.57 12.67
C GLY A 397 -5.65 -4.86 11.20
N ARG A 398 -4.98 -4.15 10.29
CA ARG A 398 -5.21 -4.38 8.86
C ARG A 398 -4.62 -5.71 8.46
N ALA A 399 -3.39 -5.99 8.91
CA ALA A 399 -2.74 -7.26 8.60
C ALA A 399 -3.59 -8.44 9.12
N ARG A 400 -4.14 -8.30 10.32
CA ARG A 400 -5.00 -9.34 10.89
C ARG A 400 -6.25 -9.55 10.01
N ALA A 401 -6.92 -8.45 9.67
CA ALA A 401 -8.10 -8.50 8.82
C ALA A 401 -7.78 -9.16 7.47
N LEU A 402 -6.63 -8.79 6.92
N LEU A 402 -6.64 -8.79 6.90
CA LEU A 402 -6.16 -9.31 5.65
CA LEU A 402 -6.19 -9.34 5.62
C LEU A 402 -5.90 -10.82 5.68
C LEU A 402 -5.93 -10.84 5.68
N GLY A 403 -5.38 -11.30 6.80
CA GLY A 403 -5.03 -12.71 6.98
C GLY A 403 -3.57 -12.94 6.55
N ASP A 404 -2.74 -11.92 6.69
CA ASP A 404 -1.32 -12.00 6.38
C ASP A 404 -0.61 -11.10 7.40
N THR A 405 -0.15 -11.72 8.49
CA THR A 405 0.50 -11.02 9.60
C THR A 405 2.03 -11.20 9.71
N THR A 406 2.65 -11.73 8.66
CA THR A 406 4.12 -11.93 8.66
C THR A 406 4.93 -10.62 8.61
N GLY A 407 5.99 -10.51 9.44
CA GLY A 407 6.92 -9.37 9.41
C GLY A 407 6.80 -8.18 10.36
N PHE A 408 7.45 -7.06 9.98
CA PHE A 408 7.50 -5.86 10.81
C PHE A 408 7.98 -4.63 10.05
N ALA A 409 7.84 -3.48 10.69
CA ALA A 409 8.34 -2.20 10.16
C ALA A 409 9.35 -1.68 11.17
N LYS A 410 10.44 -1.09 10.68
CA LYS A 410 11.48 -0.53 11.54
C LYS A 410 11.88 0.88 11.08
N VAL A 411 12.00 1.79 12.05
CA VAL A 411 12.42 3.17 11.82
C VAL A 411 13.70 3.43 12.62
N ILE A 412 14.70 4.01 11.96
CA ILE A 412 15.99 4.33 12.60
C ILE A 412 16.18 5.83 12.54
N ALA A 413 16.42 6.44 13.71
CA ALA A 413 16.57 7.89 13.81
C ALA A 413 17.86 8.28 14.50
N ASP A 414 18.31 9.50 14.20
CA ASP A 414 19.52 10.04 14.82
C ASP A 414 19.21 10.22 16.31
N ALA A 415 20.12 9.77 17.16
CA ALA A 415 19.90 9.82 18.62
C ALA A 415 19.79 11.22 19.22
N LYS A 416 20.40 12.21 18.56
N LYS A 416 20.42 12.20 18.58
CA LYS A 416 20.41 13.59 19.06
CA LYS A 416 20.42 13.60 19.03
C LYS A 416 19.36 14.50 18.40
C LYS A 416 19.39 14.51 18.39
N THR A 417 19.27 14.43 17.06
CA THR A 417 18.35 15.29 16.29
C THR A 417 16.99 14.68 15.96
N ASP A 418 16.87 13.37 16.16
CA ASP A 418 15.66 12.59 15.84
C ASP A 418 15.37 12.47 14.34
N GLU A 419 16.29 12.95 13.48
CA GLU A 419 16.10 12.86 12.04
C GLU A 419 16.09 11.38 11.62
N VAL A 420 15.13 11.02 10.74
CA VAL A 420 15.02 9.65 10.26
C VAL A 420 16.19 9.36 9.31
N LEU A 421 16.92 8.27 9.59
CA LEU A 421 18.09 7.89 8.80
C LEU A 421 17.85 6.66 7.95
N GLY A 422 16.83 5.88 8.32
CA GLY A 422 16.51 4.70 7.53
C GLY A 422 15.20 4.10 7.98
N VAL A 423 14.52 3.42 7.06
CA VAL A 423 13.25 2.74 7.34
C VAL A 423 13.32 1.40 6.61
N HIS A 424 13.01 0.34 7.32
CA HIS A 424 13.11 -1.01 6.80
C HIS A 424 11.84 -1.75 7.09
N ILE A 425 11.22 -2.29 6.03
CA ILE A 425 9.95 -2.99 6.17
C ILE A 425 9.96 -4.35 5.48
N ILE A 426 9.49 -5.37 6.19
CA ILE A 426 9.27 -6.69 5.61
C ILE A 426 7.83 -7.02 6.00
N GLY A 427 6.99 -7.31 5.02
CA GLY A 427 5.59 -7.60 5.28
C GLY A 427 4.71 -7.30 4.08
N PRO A 428 3.39 -7.39 4.30
CA PRO A 428 2.47 -7.15 3.19
C PRO A 428 2.54 -5.73 2.64
N MET A 429 2.55 -5.60 1.31
N MET A 429 2.52 -5.61 1.30
CA MET A 429 2.56 -4.29 0.62
CA MET A 429 2.53 -4.30 0.62
C MET A 429 3.72 -3.37 0.98
C MET A 429 3.69 -3.37 1.00
N ALA A 430 4.81 -3.93 1.50
CA ALA A 430 5.97 -3.11 1.90
C ALA A 430 6.45 -2.18 0.77
N SER A 431 6.34 -2.64 -0.47
CA SER A 431 6.72 -1.86 -1.64
C SER A 431 5.98 -0.51 -1.73
N GLU A 432 4.73 -0.50 -1.24
CA GLU A 432 3.91 0.71 -1.26
C GLU A 432 4.10 1.49 0.03
N LEU A 433 4.24 0.81 1.16
CA LEU A 433 4.41 1.50 2.43
C LEU A 433 5.69 2.34 2.50
N ILE A 434 6.72 1.93 1.77
CA ILE A 434 8.01 2.63 1.83
C ILE A 434 7.94 4.06 1.26
N SER A 435 6.94 4.36 0.43
CA SER A 435 6.83 5.70 -0.18
C SER A 435 6.74 6.79 0.89
N GLU A 436 6.05 6.47 1.98
CA GLU A 436 5.92 7.36 3.13
C GLU A 436 7.30 7.67 3.74
N ALA A 437 8.13 6.64 3.85
CA ALA A 437 9.46 6.80 4.41
C ALA A 437 10.34 7.64 3.51
N VAL A 438 10.28 7.41 2.20
CA VAL A 438 11.09 8.22 1.28
C VAL A 438 10.69 9.69 1.40
N THR A 439 9.39 9.94 1.47
CA THR A 439 8.87 11.30 1.58
C THR A 439 9.37 11.97 2.86
N ILE A 440 9.35 11.24 3.97
CA ILE A 440 9.83 11.78 5.24
C ILE A 440 11.30 12.17 5.11
N MET A 441 12.11 11.32 4.48
CA MET A 441 13.55 11.58 4.33
C MET A 441 13.85 12.75 3.41
N GLU A 442 13.05 12.90 2.35
CA GLU A 442 13.20 14.05 1.46
C GLU A 442 12.89 15.39 2.15
N PHE A 443 12.02 15.36 3.16
CA PHE A 443 11.73 16.56 3.99
C PHE A 443 12.63 16.63 5.25
N ARG A 444 13.62 15.72 5.33
CA ARG A 444 14.51 15.62 6.51
C ARG A 444 13.68 15.58 7.79
N GLY A 445 12.59 14.81 7.73
CA GLY A 445 11.68 14.66 8.86
C GLY A 445 12.23 13.79 9.97
N ALA A 446 11.59 13.88 11.13
CA ALA A 446 11.95 13.12 12.32
C ALA A 446 11.01 11.95 12.62
N ALA A 447 11.47 11.03 13.48
CA ALA A 447 10.65 9.91 13.92
C ALA A 447 9.38 10.45 14.57
N GLU A 448 9.53 11.51 15.37
CA GLU A 448 8.38 12.13 16.05
C GLU A 448 7.36 12.69 15.04
N ASP A 449 7.83 13.12 13.87
CA ASP A 449 6.92 13.61 12.81
C ASP A 449 6.07 12.45 12.33
N ILE A 450 6.70 11.32 12.00
CA ILE A 450 5.95 10.14 11.57
C ILE A 450 4.92 9.75 12.64
N ALA A 451 5.38 9.76 13.90
CA ALA A 451 4.54 9.38 15.02
C ALA A 451 3.32 10.29 15.22
N ARG A 452 3.48 11.60 14.97
N ARG A 452 3.50 11.59 14.97
CA ARG A 452 2.37 12.55 15.16
CA ARG A 452 2.42 12.57 15.13
C ARG A 452 1.40 12.58 13.98
C ARG A 452 1.48 12.73 13.94
N ILE A 453 1.85 12.14 12.81
CA ILE A 453 1.01 12.18 11.60
C ILE A 453 -0.12 11.16 11.74
N CYS A 454 -1.33 11.59 11.45
CA CYS A 454 -2.50 10.71 11.57
C CYS A 454 -2.43 9.63 10.48
N HIS A 455 -2.49 8.36 10.87
CA HIS A 455 -2.53 7.26 9.92
C HIS A 455 -3.92 6.64 10.01
N ALA A 456 -4.55 6.42 8.86
CA ALA A 456 -5.87 5.83 8.83
C ALA A 456 -5.90 4.44 9.48
N HIS A 457 -6.96 4.18 10.23
CA HIS A 457 -7.16 2.87 10.88
C HIS A 457 -8.35 2.18 10.24
N PRO A 458 -8.23 0.91 9.83
CA PRO A 458 -7.03 0.09 9.95
C PRO A 458 -6.25 0.05 8.64
N THR A 459 -4.97 0.37 8.70
CA THR A 459 -4.08 0.27 7.54
C THR A 459 -2.70 -0.26 7.95
N LEU A 460 -2.05 -0.94 7.03
CA LEU A 460 -0.70 -1.44 7.26
C LEU A 460 0.26 -0.29 7.56
N SER A 461 -0.02 0.88 6.98
N SER A 461 -0.01 0.88 6.98
CA SER A 461 0.81 2.07 7.18
CA SER A 461 0.84 2.06 7.20
C SER A 461 0.90 2.48 8.65
C SER A 461 0.93 2.43 8.67
N GLU A 462 -0.06 2.03 9.46
CA GLU A 462 -0.04 2.30 10.90
C GLU A 462 1.20 1.67 11.56
N ALA A 463 1.68 0.57 11.00
CA ALA A 463 2.90 -0.10 11.50
C ALA A 463 4.12 0.82 11.40
N VAL A 464 4.15 1.70 10.40
CA VAL A 464 5.28 2.64 10.24
C VAL A 464 5.20 3.68 11.36
N LYS A 465 3.98 4.18 11.63
CA LYS A 465 3.74 5.13 12.74
C LYS A 465 4.15 4.52 14.09
N GLU A 466 3.74 3.29 14.32
CA GLU A 466 4.06 2.60 15.57
C GLU A 466 5.55 2.33 15.69
N ALA A 467 6.23 2.06 14.57
CA ALA A 467 7.68 1.84 14.62
C ALA A 467 8.35 3.16 15.02
N ALA A 468 7.81 4.28 14.52
CA ALA A 468 8.33 5.60 14.89
C ALA A 468 8.09 5.85 16.38
N LEU A 469 6.94 5.40 16.89
CA LEU A 469 6.67 5.55 18.34
C LEU A 469 7.66 4.71 19.14
N ALA A 470 7.99 3.53 18.61
CA ALA A 470 8.96 2.62 19.25
C ALA A 470 10.37 3.27 19.39
N VAL A 471 10.74 4.15 18.46
CA VAL A 471 12.02 4.86 18.54
C VAL A 471 12.11 5.62 19.86
N ASP A 472 10.97 6.17 20.30
CA ASP A 472 10.89 6.91 21.55
C ASP A 472 10.32 6.04 22.69
N LYS A 473 10.40 4.72 22.50
CA LYS A 473 9.95 3.75 23.48
C LYS A 473 8.53 4.01 23.99
N ARG A 474 7.62 4.33 23.07
CA ARG A 474 6.22 4.55 23.46
C ARG A 474 5.18 4.03 22.47
N THR A 475 5.43 2.81 21.97
N THR A 475 5.41 2.79 22.05
CA THR A 475 4.48 2.17 21.09
CA THR A 475 4.51 2.11 21.15
C THR A 475 3.17 2.06 21.87
C THR A 475 3.17 1.98 21.87
N LEU A 476 2.06 2.20 21.16
CA LEU A 476 0.74 2.12 21.77
C LEU A 476 0.12 0.74 21.70
N ASN A 477 0.21 0.10 20.53
CA ASN A 477 -0.44 -1.20 20.28
C ASN A 477 0.42 -2.44 20.41
N PHE A 478 1.60 -2.29 21.00
CA PHE A 478 2.47 -3.39 21.32
C PHE A 478 3.04 -3.10 22.71
N LYS B 6 -11.60 2.70 44.63
CA LYS B 6 -10.16 3.07 44.72
C LYS B 6 -9.92 4.38 43.96
N GLN B 7 -8.80 5.03 44.29
CA GLN B 7 -8.41 6.32 43.73
C GLN B 7 -7.49 6.18 42.52
N PHE B 8 -7.75 7.00 41.50
CA PHE B 8 -6.97 7.03 40.27
C PHE B 8 -6.74 8.46 39.79
N ASP B 9 -5.68 8.67 39.00
CA ASP B 9 -5.45 9.97 38.43
C ASP B 9 -6.47 10.21 37.31
N VAL B 10 -6.71 9.15 36.51
CA VAL B 10 -7.62 9.20 35.38
C VAL B 10 -8.59 8.01 35.32
N VAL B 11 -9.87 8.30 35.12
CA VAL B 11 -10.85 7.27 34.87
C VAL B 11 -11.34 7.54 33.46
N VAL B 12 -11.20 6.52 32.61
CA VAL B 12 -11.63 6.58 31.22
C VAL B 12 -12.89 5.72 31.10
N ILE B 13 -13.97 6.31 30.62
CA ILE B 13 -15.23 5.59 30.45
C ILE B 13 -15.33 5.22 28.98
N GLY B 14 -15.11 3.94 28.70
CA GLY B 14 -15.14 3.42 27.34
C GLY B 14 -13.79 2.87 26.94
N ALA B 15 -13.80 1.73 26.22
CA ALA B 15 -12.56 1.06 25.76
C ALA B 15 -12.56 0.84 24.26
N GLY B 16 -13.17 1.78 23.55
CA GLY B 16 -13.13 1.79 22.10
C GLY B 16 -11.83 2.51 21.74
N PRO B 17 -11.58 2.70 20.44
CA PRO B 17 -10.37 3.40 19.99
C PRO B 17 -9.98 4.65 20.79
N GLY B 18 -10.94 5.50 21.13
CA GLY B 18 -10.64 6.71 21.86
C GLY B 18 -10.23 6.48 23.29
N GLY B 19 -11.00 5.65 23.99
CA GLY B 19 -10.76 5.39 25.39
C GLY B 19 -9.59 4.46 25.69
N TYR B 20 -9.44 3.37 24.95
CA TYR B 20 -8.33 2.44 25.24
C TYR B 20 -6.98 3.08 24.96
N ILE B 21 -6.91 3.93 23.93
CA ILE B 21 -5.67 4.63 23.60
C ILE B 21 -5.42 5.76 24.61
N ALA B 22 -6.48 6.46 25.00
CA ALA B 22 -6.34 7.51 26.00
C ALA B 22 -5.78 6.91 27.28
N ALA B 23 -6.29 5.73 27.65
CA ALA B 23 -5.83 5.04 28.85
C ALA B 23 -4.36 4.64 28.76
N ILE B 24 -3.98 4.01 27.66
CA ILE B 24 -2.59 3.61 27.45
C ILE B 24 -1.66 4.81 27.44
N ARG B 25 -2.02 5.87 26.72
CA ARG B 25 -1.17 7.06 26.65
C ARG B 25 -1.00 7.71 28.04
N ALA B 26 -2.08 7.75 28.81
CA ALA B 26 -2.05 8.31 30.16
C ALA B 26 -1.14 7.48 31.05
N ALA B 27 -1.18 6.15 30.89
CA ALA B 27 -0.31 5.25 31.66
C ALA B 27 1.16 5.48 31.29
N GLN B 28 1.44 5.66 29.99
CA GLN B 28 2.81 5.94 29.54
C GLN B 28 3.34 7.20 30.23
N LEU B 29 2.46 8.19 30.38
CA LEU B 29 2.78 9.47 31.01
C LEU B 29 2.83 9.41 32.53
N GLY B 30 2.75 8.20 33.09
CA GLY B 30 2.93 8.00 34.51
C GLY B 30 1.72 8.08 35.41
N MET B 31 0.53 8.07 34.83
CA MET B 31 -0.69 8.17 35.62
C MET B 31 -1.28 6.81 35.98
N SER B 32 -1.97 6.75 37.12
CA SER B 32 -2.72 5.56 37.52
C SER B 32 -4.02 5.74 36.78
N VAL B 33 -4.38 4.75 35.98
CA VAL B 33 -5.54 4.82 35.12
C VAL B 33 -6.49 3.66 35.31
N ALA B 34 -7.79 3.98 35.28
CA ALA B 34 -8.83 2.99 35.31
C ALA B 34 -9.58 3.17 33.99
N CYS B 35 -9.91 2.06 33.35
CA CYS B 35 -10.70 2.10 32.12
C CYS B 35 -11.89 1.18 32.35
N ILE B 36 -13.08 1.73 32.24
CA ILE B 36 -14.36 1.04 32.45
C ILE B 36 -15.02 0.84 31.09
N ASP B 37 -15.45 -0.38 30.78
CA ASP B 37 -16.11 -0.64 29.50
C ASP B 37 -17.11 -1.76 29.67
N ALA B 38 -18.29 -1.56 29.10
CA ALA B 38 -19.40 -2.50 29.26
C ALA B 38 -19.57 -3.53 28.18
N TRP B 39 -18.85 -3.40 27.07
CA TRP B 39 -19.06 -4.32 25.95
C TRP B 39 -18.84 -5.77 26.38
N GLN B 40 -19.69 -6.67 25.88
CA GLN B 40 -19.60 -8.09 26.19
C GLN B 40 -19.49 -8.92 24.95
N ASN B 41 -18.75 -10.03 25.05
CA ASN B 41 -18.67 -11.00 23.95
C ASN B 41 -19.91 -11.89 24.04
N GLY B 42 -20.06 -12.83 23.10
CA GLY B 42 -21.22 -13.74 23.06
C GLY B 42 -21.50 -14.54 24.33
N GLN B 43 -20.47 -14.74 25.14
CA GLN B 43 -20.57 -15.49 26.40
C GLN B 43 -20.60 -14.56 27.62
N GLY B 44 -20.80 -13.26 27.39
CA GLY B 44 -20.89 -12.26 28.45
C GLY B 44 -19.58 -11.75 29.04
N GLY B 45 -18.45 -12.20 28.50
CA GLY B 45 -17.14 -11.79 29.02
C GLY B 45 -16.62 -10.48 28.43
N PRO B 46 -15.47 -9.99 28.93
CA PRO B 46 -14.90 -8.73 28.45
C PRO B 46 -14.64 -8.74 26.96
N ALA B 47 -14.86 -7.60 26.30
CA ALA B 47 -14.63 -7.47 24.85
C ALA B 47 -14.19 -6.04 24.49
N PRO B 48 -12.99 -5.63 24.94
CA PRO B 48 -12.54 -4.26 24.66
C PRO B 48 -12.32 -4.01 23.18
N GLY B 49 -12.27 -2.74 22.81
CA GLY B 49 -12.09 -2.32 21.44
C GLY B 49 -13.30 -1.58 20.85
N GLY B 50 -14.38 -1.51 21.64
CA GLY B 50 -15.60 -0.81 21.28
C GLY B 50 -16.27 -1.20 19.99
N THR B 51 -16.83 -0.19 19.34
CA THR B 51 -17.52 -0.39 18.09
C THR B 51 -16.58 -0.90 17.02
N CYS B 52 -15.39 -0.29 16.92
CA CYS B 52 -14.43 -0.62 15.87
C CYS B 52 -14.01 -2.10 15.86
N THR B 53 -13.64 -2.62 17.01
CA THR B 53 -13.22 -4.02 17.13
C THR B 53 -14.37 -5.02 17.00
N ASN B 54 -15.47 -4.76 17.68
CA ASN B 54 -16.57 -5.75 17.76
C ASN B 54 -17.57 -5.81 16.61
N VAL B 55 -18.01 -4.64 16.15
CA VAL B 55 -19.01 -4.54 15.10
C VAL B 55 -18.69 -3.46 14.11
N GLY B 56 -17.40 -3.14 13.99
CA GLY B 56 -16.98 -2.03 13.14
C GLY B 56 -15.85 -2.25 12.16
N CYS B 57 -14.81 -1.44 12.26
CA CYS B 57 -13.69 -1.48 11.29
C CYS B 57 -13.12 -2.89 11.11
N ILE B 58 -12.79 -3.55 12.21
CA ILE B 58 -12.11 -4.85 12.14
C ILE B 58 -12.94 -5.96 11.46
N PRO B 59 -14.15 -6.23 11.96
CA PRO B 59 -14.93 -7.28 11.29
C PRO B 59 -15.35 -6.93 9.86
N SER B 60 -15.63 -5.66 9.60
CA SER B 60 -16.03 -5.24 8.25
C SER B 60 -14.87 -5.42 7.29
N LYS B 61 -13.67 -5.03 7.71
CA LYS B 61 -12.48 -5.25 6.85
C LYS B 61 -12.20 -6.75 6.63
N ALA B 62 -12.40 -7.57 7.65
CA ALA B 62 -12.19 -9.02 7.53
C ALA B 62 -13.14 -9.63 6.48
N LEU B 63 -14.44 -9.29 6.56
CA LEU B 63 -15.42 -9.82 5.59
C LEU B 63 -15.18 -9.27 4.20
N LEU B 64 -14.73 -8.02 4.13
CA LEU B 64 -14.43 -7.46 2.81
C LEU B 64 -13.28 -8.25 2.15
N GLN B 65 -12.29 -8.66 2.93
CA GLN B 65 -11.16 -9.38 2.35
C GLN B 65 -11.56 -10.79 1.91
N SER B 66 -12.26 -11.51 2.77
CA SER B 66 -12.64 -12.88 2.42
C SER B 66 -13.61 -12.88 1.22
N SER B 67 -14.54 -11.93 1.21
CA SER B 67 -15.50 -11.85 0.10
C SER B 67 -14.78 -11.43 -1.20
N GLU B 68 -13.76 -10.59 -1.08
CA GLU B 68 -12.97 -10.21 -2.28
C GLU B 68 -12.24 -11.43 -2.85
N HIS B 69 -11.71 -12.31 -1.98
CA HIS B 69 -11.03 -13.52 -2.47
C HIS B 69 -12.01 -14.43 -3.19
N TYR B 70 -13.24 -14.49 -2.70
CA TYR B 70 -14.29 -15.32 -3.31
C TYR B 70 -14.65 -14.78 -4.68
N GLU B 71 -14.74 -13.45 -4.79
CA GLU B 71 -15.00 -12.80 -6.08
C GLU B 71 -13.86 -13.09 -7.07
N GLN B 72 -12.62 -13.00 -6.58
CA GLN B 72 -11.43 -13.30 -7.41
C GLN B 72 -11.46 -14.74 -7.94
N ALA B 73 -11.76 -15.69 -7.05
CA ALA B 73 -11.82 -17.11 -7.39
C ALA B 73 -12.90 -17.43 -8.42
N ASN B 74 -14.00 -16.69 -8.36
CA ASN B 74 -15.12 -16.92 -9.29
C ASN B 74 -15.00 -16.23 -10.63
N HIS B 75 -14.29 -15.09 -10.70
CA HIS B 75 -14.27 -14.32 -11.95
C HIS B 75 -12.95 -13.79 -12.46
N HIS B 76 -11.88 -13.90 -11.69
CA HIS B 76 -10.62 -13.28 -12.12
C HIS B 76 -9.36 -14.13 -12.07
N PHE B 77 -9.51 -15.46 -12.03
CA PHE B 77 -8.33 -16.35 -11.97
C PHE B 77 -7.97 -17.00 -13.30
N ALA B 78 -8.94 -17.16 -14.20
CA ALA B 78 -8.66 -17.73 -15.52
C ALA B 78 -7.66 -16.86 -16.31
N GLU B 79 -7.80 -15.53 -16.21
CA GLU B 79 -6.89 -14.61 -16.93
C GLU B 79 -5.44 -14.75 -16.46
N HIS B 80 -5.23 -15.30 -15.27
CA HIS B 80 -3.88 -15.55 -14.76
C HIS B 80 -3.39 -16.97 -15.04
N GLY B 81 -4.19 -17.74 -15.76
CA GLY B 81 -3.86 -19.12 -16.09
C GLY B 81 -4.20 -20.10 -14.97
N ILE B 82 -5.12 -19.70 -14.09
CA ILE B 82 -5.53 -20.54 -12.98
C ILE B 82 -6.90 -21.13 -13.32
N GLU B 83 -6.93 -22.44 -13.55
N GLU B 83 -6.95 -22.43 -13.59
CA GLU B 83 -8.12 -23.21 -13.92
CA GLU B 83 -8.21 -23.13 -13.92
C GLU B 83 -8.63 -23.98 -12.70
C GLU B 83 -8.65 -23.97 -12.73
N VAL B 84 -9.95 -23.95 -12.45
CA VAL B 84 -10.55 -24.67 -11.31
C VAL B 84 -11.75 -25.51 -11.75
N LYS B 85 -12.00 -26.62 -11.06
CA LYS B 85 -13.15 -27.47 -11.37
C LYS B 85 -14.41 -26.94 -10.66
N GLY B 86 -14.23 -26.27 -9.52
CA GLY B 86 -15.39 -25.74 -8.82
C GLY B 86 -14.99 -24.82 -7.69
N VAL B 87 -15.94 -23.98 -7.27
CA VAL B 87 -15.77 -23.03 -6.17
C VAL B 87 -17.07 -23.03 -5.37
N SER B 88 -16.99 -23.20 -4.05
CA SER B 88 -18.17 -23.17 -3.19
C SER B 88 -17.81 -22.45 -1.91
N LEU B 89 -18.83 -21.93 -1.26
CA LEU B 89 -18.69 -21.15 -0.06
C LEU B 89 -19.02 -21.93 1.20
N LYS B 90 -18.18 -21.77 2.22
CA LYS B 90 -18.40 -22.32 3.54
C LYS B 90 -18.53 -21.11 4.44
N LEU B 91 -19.75 -20.57 4.49
CA LEU B 91 -20.01 -19.33 5.23
C LEU B 91 -19.65 -19.37 6.71
N ASP B 92 -19.88 -20.50 7.37
N ASP B 92 -19.87 -20.52 7.36
CA ASP B 92 -19.53 -20.64 8.79
CA ASP B 92 -19.53 -20.66 8.79
C ASP B 92 -18.03 -20.42 9.02
C ASP B 92 -18.03 -20.47 9.05
N THR B 93 -17.21 -20.91 8.11
CA THR B 93 -15.75 -20.78 8.21
C THR B 93 -15.33 -19.33 7.95
N LEU B 94 -15.97 -18.70 6.95
CA LEU B 94 -15.68 -17.30 6.62
C LEU B 94 -16.04 -16.39 7.80
N ILE B 95 -17.26 -16.54 8.33
CA ILE B 95 -17.70 -15.75 9.49
C ILE B 95 -16.85 -16.13 10.71
N GLY B 96 -16.50 -17.42 10.82
CA GLY B 96 -15.68 -17.92 11.92
C GLY B 96 -14.30 -17.29 11.99
N ARG B 97 -13.67 -17.06 10.84
CA ARG B 97 -12.34 -16.43 10.81
C ARG B 97 -12.45 -15.00 11.34
N LYS B 98 -13.48 -14.29 10.89
CA LYS B 98 -13.74 -12.94 11.38
C LYS B 98 -13.95 -12.95 12.90
N ASN B 99 -14.74 -13.89 13.41
CA ASN B 99 -14.99 -13.97 14.87
C ASN B 99 -13.70 -14.19 15.65
N THR B 100 -12.81 -15.00 15.09
CA THR B 100 -11.51 -15.26 15.70
C THR B 100 -10.64 -13.99 15.72
N VAL B 101 -10.67 -13.22 14.64
CA VAL B 101 -9.90 -11.98 14.56
C VAL B 101 -10.42 -10.99 15.62
N VAL B 102 -11.75 -10.90 15.73
CA VAL B 102 -12.35 -10.00 16.72
C VAL B 102 -11.88 -10.39 18.12
N LYS B 103 -11.97 -11.67 18.43
CA LYS B 103 -11.55 -12.18 19.73
C LYS B 103 -10.06 -11.88 19.97
N GLN B 104 -9.22 -12.09 18.95
CA GLN B 104 -7.79 -11.78 19.05
C GLN B 104 -7.59 -10.32 19.45
N ASN B 105 -8.39 -9.44 18.86
CA ASN B 105 -8.30 -8.02 19.15
C ASN B 105 -8.78 -7.75 20.58
N ASN B 106 -9.92 -8.35 20.99
CA ASN B 106 -10.44 -8.21 22.39
C ASN B 106 -9.32 -8.56 23.39
N ASP B 107 -8.75 -9.76 23.21
CA ASP B 107 -7.69 -10.25 24.08
C ASP B 107 -6.44 -9.40 24.05
N GLY B 108 -6.10 -8.92 22.86
CA GLY B 108 -4.92 -8.10 22.68
C GLY B 108 -5.01 -6.81 23.48
N ILE B 109 -6.19 -6.19 23.51
CA ILE B 109 -6.35 -4.94 24.25
C ILE B 109 -6.29 -5.21 25.75
N LEU B 110 -6.87 -6.33 26.20
CA LEU B 110 -6.75 -6.71 27.60
C LEU B 110 -5.27 -6.87 27.98
N TYR B 111 -4.51 -7.48 27.10
N TYR B 111 -4.49 -7.52 27.12
CA TYR B 111 -3.08 -7.70 27.34
CA TYR B 111 -3.06 -7.72 27.37
C TYR B 111 -2.36 -6.36 27.41
C TYR B 111 -2.30 -6.39 27.38
N LEU B 112 -2.72 -5.43 26.54
CA LEU B 112 -2.10 -4.10 26.50
C LEU B 112 -2.38 -3.34 27.78
N PHE B 113 -3.60 -3.50 28.29
CA PHE B 113 -3.94 -2.85 29.56
C PHE B 113 -3.07 -3.43 30.68
N LYS B 114 -2.90 -4.76 30.70
CA LYS B 114 -2.09 -5.39 31.74
C LYS B 114 -0.64 -4.92 31.66
N LYS B 115 -0.11 -4.89 30.44
CA LYS B 115 1.28 -4.48 30.21
C LYS B 115 1.54 -3.05 30.70
N ASN B 116 0.57 -2.17 30.45
CA ASN B 116 0.63 -0.75 30.83
C ASN B 116 0.11 -0.46 32.23
N LYS B 117 -0.31 -1.52 32.94
CA LYS B 117 -0.86 -1.37 34.28
C LYS B 117 -2.08 -0.44 34.32
N VAL B 118 -2.94 -0.57 33.31
CA VAL B 118 -4.22 0.12 33.29
C VAL B 118 -5.17 -0.84 33.99
N THR B 119 -5.91 -0.36 34.98
CA THR B 119 -6.87 -1.22 35.69
C THR B 119 -8.19 -1.24 34.91
N TYR B 120 -8.57 -2.40 34.41
CA TYR B 120 -9.79 -2.56 33.63
C TYR B 120 -10.98 -3.04 34.47
N PHE B 121 -12.10 -2.36 34.30
CA PHE B 121 -13.36 -2.69 34.96
C PHE B 121 -14.41 -3.02 33.89
N HIS B 122 -14.92 -4.25 33.92
CA HIS B 122 -15.93 -4.69 32.98
C HIS B 122 -17.30 -4.35 33.57
N GLY B 123 -17.89 -3.28 33.06
CA GLY B 123 -19.18 -2.83 33.51
C GLY B 123 -19.54 -1.48 32.96
N LYS B 124 -20.60 -0.92 33.50
CA LYS B 124 -21.08 0.37 33.06
C LYS B 124 -20.68 1.43 34.10
N GLY B 125 -20.07 2.51 33.61
CA GLY B 125 -19.62 3.60 34.45
C GLY B 125 -20.51 4.81 34.35
N ALA B 126 -20.81 5.41 35.51
CA ALA B 126 -21.68 6.57 35.58
C ALA B 126 -21.15 7.59 36.58
N PHE B 127 -21.41 8.85 36.29
CA PHE B 127 -21.08 9.92 37.23
C PHE B 127 -21.96 9.78 38.47
N ALA B 128 -21.35 9.93 39.65
CA ALA B 128 -22.10 9.92 40.91
C ALA B 128 -22.11 11.34 41.46
N GLY B 129 -20.99 12.03 41.32
CA GLY B 129 -20.85 13.41 41.80
C GLY B 129 -19.41 13.78 42.07
N GLN B 130 -19.18 14.94 42.67
CA GLN B 130 -17.85 15.39 43.04
C GLN B 130 -17.58 14.98 44.48
N VAL B 131 -16.33 14.66 44.79
CA VAL B 131 -15.91 14.32 46.14
C VAL B 131 -14.58 15.02 46.34
N ASP B 132 -13.94 14.82 47.49
CA ASP B 132 -12.70 15.53 47.78
C ASP B 132 -11.61 15.22 46.74
N GLY B 133 -11.41 13.94 46.45
CA GLY B 133 -10.40 13.51 45.47
C GLY B 133 -10.67 13.85 44.00
N GLY B 134 -11.85 14.38 43.68
CA GLY B 134 -12.19 14.75 42.28
C GLY B 134 -13.60 14.35 41.88
N TRP B 135 -13.73 13.34 41.02
CA TRP B 135 -15.03 12.84 40.55
C TRP B 135 -15.28 11.42 41.01
N SER B 136 -16.49 11.18 41.51
CA SER B 136 -16.93 9.87 41.96
C SER B 136 -17.60 9.17 40.77
N ILE B 137 -17.06 8.01 40.38
CA ILE B 137 -17.59 7.23 39.27
C ILE B 137 -18.00 5.88 39.79
N LYS B 138 -19.25 5.51 39.56
CA LYS B 138 -19.81 4.24 40.01
C LYS B 138 -19.86 3.26 38.84
N VAL B 139 -19.37 2.05 39.07
CA VAL B 139 -19.40 0.98 38.07
C VAL B 139 -20.49 -0.02 38.51
N THR B 140 -21.34 -0.39 37.56
CA THR B 140 -22.44 -1.35 37.81
C THR B 140 -22.55 -2.35 36.68
N GLY B 141 -23.39 -3.37 36.88
CA GLY B 141 -23.62 -4.42 35.89
C GLY B 141 -22.73 -5.61 36.18
N THR B 142 -21.88 -5.97 35.21
N THR B 142 -21.89 -6.00 35.23
CA THR B 142 -20.96 -7.11 35.32
CA THR B 142 -21.02 -7.15 35.42
C THR B 142 -19.90 -7.00 36.44
C THR B 142 -20.09 -7.01 36.63
N THR B 143 -19.67 -5.79 36.91
CA THR B 143 -18.75 -5.52 38.03
C THR B 143 -19.33 -4.37 38.85
N ASP B 144 -19.16 -4.41 40.16
CA ASP B 144 -19.56 -3.29 41.04
C ASP B 144 -18.31 -2.65 41.61
N ALA B 145 -18.20 -1.33 41.47
CA ALA B 145 -17.07 -0.61 42.01
C ALA B 145 -17.40 0.85 42.22
N ASP B 146 -16.74 1.44 43.21
CA ASP B 146 -16.90 2.86 43.54
C ASP B 146 -15.51 3.49 43.44
N LEU B 147 -15.29 4.21 42.35
CA LEU B 147 -14.01 4.82 42.05
C LEU B 147 -14.01 6.34 42.21
N VAL B 148 -12.80 6.89 42.40
CA VAL B 148 -12.60 8.33 42.52
C VAL B 148 -11.47 8.71 41.60
N ALA B 149 -11.63 9.80 40.84
CA ALA B 149 -10.60 10.23 39.92
C ALA B 149 -10.53 11.72 39.79
N LYS B 150 -9.30 12.23 39.69
CA LYS B 150 -9.09 13.66 39.50
C LYS B 150 -9.62 14.06 38.13
N HIS B 151 -9.29 13.28 37.11
CA HIS B 151 -9.71 13.53 35.72
C HIS B 151 -10.56 12.38 35.20
N VAL B 152 -11.58 12.72 34.42
CA VAL B 152 -12.43 11.74 33.79
C VAL B 152 -12.40 12.02 32.32
N ILE B 153 -12.21 10.96 31.53
CA ILE B 153 -12.29 11.05 30.07
C ILE B 153 -13.51 10.24 29.60
N VAL B 154 -14.51 10.93 29.06
CA VAL B 154 -15.74 10.30 28.56
C VAL B 154 -15.46 9.87 27.13
N ALA B 155 -15.50 8.56 26.89
CA ALA B 155 -15.22 8.00 25.55
C ALA B 155 -16.28 6.94 25.24
N THR B 156 -17.54 7.31 25.49
CA THR B 156 -18.69 6.42 25.38
C THR B 156 -19.18 6.07 23.97
N GLY B 157 -18.59 6.71 22.96
CA GLY B 157 -18.85 6.35 21.59
C GLY B 157 -20.21 6.58 20.99
N SER B 158 -20.60 5.67 20.08
CA SER B 158 -21.83 5.78 19.33
C SER B 158 -22.68 4.52 19.23
N SER B 159 -23.88 4.69 18.70
N SER B 159 -23.87 4.69 18.67
CA SER B 159 -24.82 3.60 18.45
CA SER B 159 -24.80 3.61 18.41
C SER B 159 -25.34 3.79 17.02
C SER B 159 -25.21 3.75 16.96
N ALA B 160 -25.88 2.74 16.42
CA ALA B 160 -26.39 2.80 15.06
C ALA B 160 -27.68 3.63 15.02
N ARG B 161 -27.78 4.58 14.11
CA ARG B 161 -29.02 5.35 13.99
C ARG B 161 -30.12 4.43 13.46
N GLU B 162 -31.27 4.45 14.12
CA GLU B 162 -32.42 3.67 13.71
C GLU B 162 -33.35 4.47 12.81
N LEU B 163 -34.02 3.78 11.89
CA LEU B 163 -35.06 4.45 11.11
C LEU B 163 -36.25 4.57 12.07
N PRO B 164 -36.91 5.75 12.15
CA PRO B 164 -38.06 5.90 13.06
C PRO B 164 -39.12 4.81 12.82
N GLY B 165 -39.57 4.18 13.89
CA GLY B 165 -40.58 3.10 13.80
C GLY B 165 -40.12 1.74 13.30
N LEU B 166 -38.81 1.56 13.10
CA LEU B 166 -38.28 0.27 12.64
C LEU B 166 -37.07 -0.10 13.50
N PRO B 167 -37.31 -0.62 14.73
CA PRO B 167 -36.20 -0.98 15.59
C PRO B 167 -35.40 -2.14 15.05
N PHE B 168 -34.09 -2.13 15.32
CA PHE B 168 -33.23 -3.23 14.92
C PHE B 168 -33.54 -4.46 15.75
N ASP B 169 -33.56 -5.63 15.12
CA ASP B 169 -33.69 -6.89 15.87
C ASP B 169 -32.46 -7.79 15.64
N GLU B 170 -31.59 -7.39 14.70
CA GLU B 170 -30.38 -8.13 14.33
C GLU B 170 -30.65 -9.58 13.88
N LYS B 171 -31.84 -9.80 13.33
CA LYS B 171 -32.26 -11.09 12.80
C LYS B 171 -32.70 -10.87 11.36
N ASN B 172 -33.63 -9.93 11.18
CA ASN B 172 -34.13 -9.57 9.85
C ASN B 172 -33.87 -8.09 9.53
N ILE B 173 -33.98 -7.22 10.55
CA ILE B 173 -33.69 -5.79 10.43
C ILE B 173 -32.34 -5.62 11.12
N LEU B 174 -31.31 -5.43 10.30
CA LEU B 174 -29.95 -5.44 10.81
C LEU B 174 -29.27 -4.10 10.81
N SER B 175 -28.53 -3.82 11.89
CA SER B 175 -27.63 -2.68 11.92
C SER B 175 -26.29 -3.22 11.42
N ASN B 176 -25.22 -2.46 11.62
CA ASN B 176 -23.89 -2.93 11.28
C ASN B 176 -23.57 -4.22 12.05
N ASP B 177 -24.18 -4.39 13.23
CA ASP B 177 -23.98 -5.57 14.08
C ASP B 177 -24.44 -6.83 13.35
N GLY B 178 -25.73 -6.89 13.01
CA GLY B 178 -26.30 -8.04 12.30
C GLY B 178 -25.74 -8.23 10.90
N ALA B 179 -25.37 -7.14 10.24
CA ALA B 179 -24.82 -7.23 8.88
C ALA B 179 -23.58 -8.11 8.81
N LEU B 180 -22.81 -8.12 9.90
CA LEU B 180 -21.57 -8.87 10.00
C LEU B 180 -21.75 -10.31 10.51
N ASN B 181 -23.00 -10.74 10.72
CA ASN B 181 -23.28 -12.06 11.30
C ASN B 181 -24.41 -12.85 10.66
N ILE B 182 -24.80 -12.49 9.44
CA ILE B 182 -25.90 -13.20 8.78
C ILE B 182 -25.49 -14.67 8.64
N GLY B 183 -26.38 -15.57 9.06
CA GLY B 183 -26.11 -17.00 9.07
C GLY B 183 -26.10 -17.73 7.74
N ALA B 184 -26.72 -17.12 6.74
CA ALA B 184 -26.76 -17.70 5.39
C ALA B 184 -26.80 -16.55 4.42
N VAL B 185 -26.22 -16.74 3.25
CA VAL B 185 -26.21 -15.69 2.25
C VAL B 185 -27.67 -15.45 1.84
N PRO B 186 -28.17 -14.21 1.98
CA PRO B 186 -29.58 -14.01 1.57
C PRO B 186 -29.74 -13.99 0.05
N LYS B 187 -30.86 -14.51 -0.46
CA LYS B 187 -31.11 -14.45 -1.91
C LYS B 187 -31.15 -13.00 -2.35
N LYS B 188 -31.93 -12.20 -1.63
CA LYS B 188 -32.05 -10.77 -1.91
C LYS B 188 -31.81 -9.99 -0.64
N LEU B 189 -30.89 -9.03 -0.74
CA LEU B 189 -30.52 -8.18 0.36
C LEU B 189 -30.83 -6.75 0.02
N GLY B 190 -31.44 -6.05 0.98
CA GLY B 190 -31.71 -4.64 0.85
C GLY B 190 -30.78 -3.88 1.78
N VAL B 191 -30.31 -2.71 1.35
CA VAL B 191 -29.47 -1.87 2.20
C VAL B 191 -30.06 -0.47 2.14
N ILE B 192 -30.31 0.14 3.30
CA ILE B 192 -30.80 1.52 3.34
C ILE B 192 -29.59 2.39 3.73
N GLY B 193 -29.17 3.26 2.82
CA GLY B 193 -27.99 4.12 3.03
C GLY B 193 -26.86 3.69 2.11
N ALA B 194 -26.43 4.60 1.23
CA ALA B 194 -25.34 4.34 0.29
C ALA B 194 -24.06 5.06 0.68
N GLY B 195 -23.86 5.25 1.98
CA GLY B 195 -22.65 5.86 2.49
C GLY B 195 -21.58 4.78 2.60
N VAL B 196 -20.48 5.11 3.29
CA VAL B 196 -19.34 4.21 3.42
C VAL B 196 -19.71 2.81 3.92
N ILE B 197 -20.45 2.76 5.03
CA ILE B 197 -20.83 1.47 5.63
C ILE B 197 -21.78 0.65 4.74
N GLY B 198 -22.78 1.32 4.15
CA GLY B 198 -23.73 0.63 3.29
C GLY B 198 -23.06 0.02 2.07
N LEU B 199 -22.14 0.77 1.46
CA LEU B 199 -21.41 0.29 0.27
C LEU B 199 -20.53 -0.90 0.61
N GLU B 200 -19.85 -0.82 1.76
CA GLU B 200 -18.99 -1.91 2.20
C GLU B 200 -19.84 -3.15 2.49
N MET B 201 -20.91 -2.99 3.27
CA MET B 201 -21.75 -4.14 3.64
C MET B 201 -22.46 -4.74 2.42
N GLY B 202 -22.96 -3.88 1.54
CA GLY B 202 -23.61 -4.35 0.31
C GLY B 202 -22.63 -5.12 -0.56
N SER B 203 -21.40 -4.61 -0.66
CA SER B 203 -20.35 -5.30 -1.45
C SER B 203 -20.04 -6.69 -0.92
N VAL B 204 -19.87 -6.80 0.40
CA VAL B 204 -19.59 -8.11 1.02
C VAL B 204 -20.61 -9.15 0.57
N TRP B 205 -21.88 -8.87 0.84
CA TRP B 205 -22.94 -9.85 0.57
C TRP B 205 -23.23 -10.11 -0.90
N ARG B 206 -23.03 -9.11 -1.74
CA ARG B 206 -23.18 -9.31 -3.18
C ARG B 206 -22.13 -10.30 -3.68
N ARG B 207 -20.88 -10.11 -3.25
CA ARG B 207 -19.80 -11.02 -3.66
C ARG B 207 -20.09 -12.44 -3.23
N LEU B 208 -20.70 -12.59 -2.05
CA LEU B 208 -21.03 -13.93 -1.54
C LEU B 208 -22.27 -14.56 -2.20
N GLY B 209 -22.96 -13.80 -3.05
CA GLY B 209 -24.08 -14.33 -3.84
C GLY B 209 -25.43 -13.66 -3.76
N ALA B 210 -25.59 -12.65 -2.93
CA ALA B 210 -26.89 -11.99 -2.81
C ALA B 210 -27.13 -10.97 -3.91
N GLU B 211 -28.41 -10.80 -4.27
CA GLU B 211 -28.80 -9.72 -5.19
C GLU B 211 -28.95 -8.56 -4.24
N VAL B 212 -28.31 -7.44 -4.54
CA VAL B 212 -28.32 -6.33 -3.59
C VAL B 212 -28.84 -5.05 -4.19
N THR B 213 -29.72 -4.39 -3.44
CA THR B 213 -30.27 -3.11 -3.81
C THR B 213 -29.98 -2.17 -2.66
N ILE B 214 -29.44 -0.99 -2.99
CA ILE B 214 -29.10 0.01 -1.98
C ILE B 214 -29.93 1.24 -2.28
N LEU B 215 -30.73 1.66 -1.30
CA LEU B 215 -31.61 2.83 -1.46
C LEU B 215 -31.08 4.00 -0.62
N GLU B 216 -30.88 5.15 -1.24
CA GLU B 216 -30.35 6.32 -0.54
C GLU B 216 -31.30 7.50 -0.68
N ALA B 217 -31.73 8.04 0.45
CA ALA B 217 -32.64 9.18 0.48
C ALA B 217 -31.97 10.45 -0.04
N MET B 218 -30.69 10.65 0.29
CA MET B 218 -29.97 11.84 -0.17
C MET B 218 -29.85 11.80 -1.69
N PRO B 219 -30.04 12.95 -2.36
CA PRO B 219 -29.97 12.96 -3.82
C PRO B 219 -28.57 12.73 -4.41
N GLU B 220 -27.54 13.24 -3.72
N GLU B 220 -27.55 13.24 -3.72
CA GLU B 220 -26.16 13.14 -4.21
CA GLU B 220 -26.19 13.13 -4.19
C GLU B 220 -25.43 11.95 -3.60
C GLU B 220 -25.52 11.88 -3.61
N PHE B 221 -24.77 11.17 -4.46
CA PHE B 221 -24.00 9.98 -4.04
C PHE B 221 -22.64 10.42 -3.54
N LEU B 222 -22.22 9.88 -2.40
CA LEU B 222 -20.90 10.21 -1.78
C LEU B 222 -20.48 11.67 -1.94
N ALA B 223 -21.35 12.56 -1.50
CA ALA B 223 -21.15 14.00 -1.63
C ALA B 223 -19.85 14.53 -1.06
N ALA B 224 -19.33 13.89 -0.01
CA ALA B 224 -18.08 14.33 0.61
C ALA B 224 -16.85 13.91 -0.20
N ALA B 225 -17.00 12.93 -1.09
CA ALA B 225 -15.88 12.48 -1.93
C ALA B 225 -15.67 13.44 -3.08
N ASP B 226 -14.50 13.38 -3.70
CA ASP B 226 -14.25 14.22 -4.87
C ASP B 226 -15.23 13.78 -5.96
N GLN B 227 -15.76 14.74 -6.69
CA GLN B 227 -16.74 14.49 -7.75
C GLN B 227 -16.31 13.41 -8.77
N GLN B 228 -15.05 13.46 -9.18
CA GLN B 228 -14.48 12.52 -10.15
C GLN B 228 -14.45 11.11 -9.51
N VAL B 229 -14.11 11.05 -8.23
CA VAL B 229 -14.06 9.79 -7.49
C VAL B 229 -15.45 9.13 -7.37
N ALA B 230 -16.43 9.92 -6.93
CA ALA B 230 -17.79 9.41 -6.74
C ALA B 230 -18.39 8.85 -8.04
N LYS B 231 -18.16 9.58 -9.13
CA LYS B 231 -18.68 9.16 -10.44
C LYS B 231 -18.07 7.82 -10.87
N GLU B 232 -16.76 7.67 -10.72
CA GLU B 232 -16.05 6.44 -11.10
C GLU B 232 -16.48 5.29 -10.21
N ALA B 233 -16.66 5.59 -8.92
CA ALA B 233 -17.08 4.57 -7.97
C ALA B 233 -18.48 4.04 -8.31
N LEU B 234 -19.39 4.96 -8.63
CA LEU B 234 -20.77 4.60 -8.95
C LEU B 234 -20.77 3.68 -10.20
N LYS B 235 -19.92 4.02 -11.16
CA LYS B 235 -19.76 3.23 -12.39
C LYS B 235 -19.27 1.81 -12.07
N SER B 236 -18.22 1.70 -11.25
CA SER B 236 -17.70 0.38 -10.84
C SER B 236 -18.72 -0.42 -10.07
N PHE B 237 -19.44 0.23 -9.14
CA PHE B 237 -20.41 -0.48 -8.32
C PHE B 237 -21.57 -1.03 -9.16
N ALA B 238 -21.98 -0.27 -10.17
CA ALA B 238 -23.04 -0.72 -11.09
C ALA B 238 -22.57 -1.97 -11.86
N LYS B 239 -21.33 -1.94 -12.36
CA LYS B 239 -20.76 -3.10 -13.05
C LYS B 239 -20.72 -4.33 -12.15
N GLN B 240 -20.34 -4.13 -10.90
CA GLN B 240 -20.28 -5.21 -9.91
C GLN B 240 -21.66 -5.80 -9.60
N GLY B 241 -22.73 -5.05 -9.87
CA GLY B 241 -24.07 -5.54 -9.59
C GLY B 241 -24.76 -4.92 -8.40
N LEU B 242 -24.21 -3.85 -7.82
CA LEU B 242 -24.88 -3.15 -6.72
C LEU B 242 -25.84 -2.13 -7.34
N ASP B 243 -27.13 -2.38 -7.16
CA ASP B 243 -28.19 -1.52 -7.68
C ASP B 243 -28.36 -0.38 -6.69
N ILE B 244 -27.67 0.72 -6.97
CA ILE B 244 -27.70 1.89 -6.10
C ILE B 244 -28.67 2.92 -6.63
N GLN B 245 -29.64 3.31 -5.80
CA GLN B 245 -30.63 4.32 -6.20
C GLN B 245 -30.65 5.44 -5.16
N THR B 246 -30.30 6.65 -5.64
CA THR B 246 -30.23 7.84 -4.84
C THR B 246 -31.45 8.72 -5.11
N GLY B 247 -31.74 9.61 -4.16
CA GLY B 247 -32.87 10.54 -4.28
C GLY B 247 -34.22 9.86 -4.18
N VAL B 248 -34.30 8.78 -3.39
CA VAL B 248 -35.56 8.07 -3.24
C VAL B 248 -36.27 8.57 -1.98
N LYS B 249 -37.56 8.25 -1.87
CA LYS B 249 -38.35 8.64 -0.70
C LYS B 249 -38.88 7.32 -0.15
N ILE B 250 -38.36 6.92 1.01
CA ILE B 250 -38.73 5.65 1.62
C ILE B 250 -40.02 5.76 2.44
N GLY B 251 -40.90 4.76 2.27
CA GLY B 251 -42.18 4.70 2.98
C GLY B 251 -42.04 3.92 4.28
N GLU B 252 -43.15 3.32 4.73
N GLU B 252 -43.13 3.32 4.76
CA GLU B 252 -43.20 2.51 5.94
CA GLU B 252 -43.10 2.60 6.02
C GLU B 252 -42.68 1.12 5.66
C GLU B 252 -42.70 1.15 5.74
N ILE B 253 -41.50 0.78 6.20
CA ILE B 253 -40.94 -0.55 6.01
C ILE B 253 -41.71 -1.56 6.86
N LYS B 254 -42.00 -2.72 6.28
CA LYS B 254 -42.70 -3.80 6.97
C LYS B 254 -41.88 -5.08 6.96
N ALA B 255 -41.51 -5.57 8.14
CA ALA B 255 -40.77 -6.82 8.28
C ALA B 255 -41.72 -7.93 8.67
N ALA B 256 -42.04 -8.82 7.72
CA ALA B 256 -42.89 -9.98 7.99
C ALA B 256 -41.94 -11.15 8.22
N ALA B 257 -42.48 -12.29 8.65
CA ALA B 257 -41.65 -13.46 8.92
C ALA B 257 -40.82 -13.86 7.70
N LYS B 258 -41.45 -13.84 6.53
CA LYS B 258 -40.78 -14.21 5.29
C LYS B 258 -40.06 -13.04 4.64
N SER B 259 -40.83 -12.06 4.18
CA SER B 259 -40.26 -10.94 3.45
C SER B 259 -40.29 -9.61 4.17
N ILE B 260 -39.29 -8.80 3.87
CA ILE B 260 -39.22 -7.43 4.35
C ILE B 260 -39.54 -6.64 3.10
N THR B 261 -40.59 -5.82 3.16
CA THR B 261 -41.01 -5.00 2.02
C THR B 261 -40.69 -3.54 2.33
N VAL B 262 -39.94 -2.91 1.43
CA VAL B 262 -39.58 -1.50 1.55
C VAL B 262 -40.29 -0.75 0.42
N PRO B 263 -41.43 -0.10 0.73
CA PRO B 263 -42.08 0.67 -0.32
C PRO B 263 -41.36 2.00 -0.47
N TYR B 264 -41.22 2.46 -1.70
CA TYR B 264 -40.56 3.73 -1.93
C TYR B 264 -40.94 4.33 -3.28
N VAL B 265 -40.71 5.63 -3.39
CA VAL B 265 -40.90 6.36 -4.62
C VAL B 265 -39.47 6.59 -5.11
N ASP B 266 -39.17 6.11 -6.31
CA ASP B 266 -37.82 6.27 -6.84
C ASP B 266 -37.55 7.73 -7.24
N ALA B 267 -36.35 8.01 -7.73
CA ALA B 267 -35.97 9.38 -8.09
C ALA B 267 -36.87 9.99 -9.16
N LYS B 268 -37.28 9.19 -10.13
CA LYS B 268 -38.18 9.64 -11.22
C LYS B 268 -39.60 9.90 -10.76
N GLY B 269 -39.97 9.45 -9.56
CA GLY B 269 -41.33 9.62 -9.05
C GLY B 269 -42.25 8.40 -9.24
N ALA B 270 -41.67 7.25 -9.63
CA ALA B 270 -42.45 6.03 -9.85
C ALA B 270 -42.47 5.17 -8.57
N GLU B 271 -43.63 4.58 -8.29
CA GLU B 271 -43.81 3.71 -7.11
C GLU B 271 -43.04 2.41 -7.28
N GLN B 272 -42.35 2.01 -6.21
CA GLN B 272 -41.58 0.78 -6.22
C GLN B 272 -41.73 0.05 -4.89
N LYS B 273 -41.39 -1.23 -4.90
N LYS B 273 -41.42 -1.24 -4.90
CA LYS B 273 -41.42 -2.07 -3.72
CA LYS B 273 -41.41 -2.05 -3.69
C LYS B 273 -40.23 -3.00 -3.79
C LYS B 273 -40.23 -2.99 -3.79
N LEU B 274 -39.29 -2.83 -2.86
CA LEU B 274 -38.12 -3.66 -2.78
C LEU B 274 -38.52 -4.73 -1.79
N VAL B 275 -38.43 -5.98 -2.22
CA VAL B 275 -38.80 -7.13 -1.38
C VAL B 275 -37.54 -7.98 -1.16
N VAL B 276 -37.07 -8.02 0.08
CA VAL B 276 -35.83 -8.70 0.42
C VAL B 276 -35.94 -9.66 1.60
N ASP B 277 -34.97 -10.57 1.68
CA ASP B 277 -34.92 -11.58 2.75
C ASP B 277 -34.30 -11.05 4.01
N LYS B 278 -33.38 -10.10 3.85
CA LYS B 278 -32.73 -9.42 4.97
C LYS B 278 -32.56 -7.95 4.60
N LEU B 279 -32.63 -7.07 5.60
CA LEU B 279 -32.45 -5.64 5.38
C LEU B 279 -31.38 -5.07 6.30
N ILE B 280 -30.41 -4.37 5.74
CA ILE B 280 -29.39 -3.72 6.53
C ILE B 280 -29.71 -2.23 6.48
N VAL B 281 -29.79 -1.60 7.64
CA VAL B 281 -30.05 -0.17 7.70
C VAL B 281 -28.74 0.49 8.16
N SER B 282 -28.18 1.34 7.29
N SER B 282 -28.19 1.36 7.32
CA SER B 282 -26.93 2.06 7.56
CA SER B 282 -26.95 2.06 7.62
C SER B 282 -27.14 3.52 7.23
C SER B 282 -27.13 3.51 7.25
N ILE B 283 -27.78 4.25 8.14
CA ILE B 283 -28.10 5.67 7.92
C ILE B 283 -27.40 6.62 8.89
N GLY B 284 -26.29 6.18 9.46
CA GLY B 284 -25.52 7.03 10.34
C GLY B 284 -25.32 6.47 11.73
N ARG B 285 -24.60 7.27 12.50
CA ARG B 285 -24.23 6.94 13.86
C ARG B 285 -24.69 8.07 14.74
N VAL B 286 -25.06 7.75 15.97
CA VAL B 286 -25.47 8.78 16.93
C VAL B 286 -24.66 8.62 18.20
N PRO B 287 -24.30 9.75 18.85
CA PRO B 287 -23.51 9.68 20.06
C PRO B 287 -24.27 8.94 21.17
N TYR B 288 -23.53 8.18 21.99
CA TYR B 288 -24.12 7.42 23.08
C TYR B 288 -23.64 7.88 24.43
N THR B 289 -24.61 8.17 25.31
CA THR B 289 -24.34 8.57 26.71
C THR B 289 -25.34 7.89 27.65
N GLY B 290 -25.96 6.80 27.19
CA GLY B 290 -26.93 6.08 27.99
C GLY B 290 -26.31 5.52 29.27
N GLY B 291 -26.93 5.83 30.41
CA GLY B 291 -26.42 5.39 31.70
C GLY B 291 -25.25 6.17 32.25
N LEU B 292 -24.79 7.19 31.55
CA LEU B 292 -23.65 7.96 32.00
C LEU B 292 -24.00 8.85 33.20
N ASN B 293 -25.30 9.16 33.34
CA ASN B 293 -25.81 10.00 34.43
C ASN B 293 -25.23 11.42 34.28
N ALA B 294 -25.20 11.87 33.02
CA ALA B 294 -24.69 13.18 32.67
C ALA B 294 -25.53 14.30 33.26
N GLU B 295 -26.83 14.28 32.95
CA GLU B 295 -27.76 15.34 33.37
C GLU B 295 -27.72 15.58 34.88
N ALA B 296 -27.54 14.53 35.66
CA ALA B 296 -27.47 14.65 37.12
C ALA B 296 -26.30 15.50 37.62
N VAL B 297 -25.13 15.38 37.00
CA VAL B 297 -23.95 16.16 37.42
C VAL B 297 -23.77 17.46 36.61
N GLY B 298 -24.68 17.72 35.67
CA GLY B 298 -24.62 18.93 34.85
C GLY B 298 -23.63 18.89 33.70
N LEU B 299 -23.29 17.69 33.22
CA LEU B 299 -22.40 17.58 32.05
C LEU B 299 -23.21 17.99 30.81
N LYS B 300 -22.78 19.05 30.12
CA LYS B 300 -23.53 19.58 28.97
C LYS B 300 -23.41 18.80 27.68
N LEU B 301 -24.57 18.51 27.08
CA LEU B 301 -24.67 17.84 25.80
C LEU B 301 -25.30 18.83 24.83
N ASP B 302 -24.94 18.74 23.55
CA ASP B 302 -25.55 19.64 22.56
C ASP B 302 -26.91 19.07 22.13
N GLU B 303 -27.60 19.72 21.21
CA GLU B 303 -28.94 19.25 20.81
C GLU B 303 -28.99 17.88 20.09
N ARG B 304 -27.86 17.45 19.52
N ARG B 304 -27.86 17.46 19.54
CA ARG B 304 -27.78 16.15 18.82
CA ARG B 304 -27.74 16.19 18.83
C ARG B 304 -27.32 15.02 19.74
C ARG B 304 -27.16 15.07 19.70
N GLY B 305 -27.07 15.32 21.01
CA GLY B 305 -26.62 14.32 21.98
C GLY B 305 -25.12 14.19 22.16
N PHE B 306 -24.32 14.98 21.44
CA PHE B 306 -22.87 14.90 21.61
C PHE B 306 -22.49 15.59 22.90
N VAL B 307 -21.43 15.12 23.55
CA VAL B 307 -20.94 15.81 24.74
C VAL B 307 -20.27 17.06 24.18
N ALA B 308 -20.64 18.23 24.70
CA ALA B 308 -20.08 19.48 24.21
C ALA B 308 -18.67 19.66 24.70
N VAL B 309 -17.77 20.01 23.78
CA VAL B 309 -16.39 20.23 24.15
C VAL B 309 -15.83 21.40 23.38
N ASP B 310 -14.78 21.99 23.93
CA ASP B 310 -14.07 23.09 23.29
C ASP B 310 -13.02 22.50 22.31
N GLU B 311 -12.10 23.34 21.83
CA GLU B 311 -11.08 22.90 20.89
C GLU B 311 -10.10 21.86 21.45
N ASP B 312 -9.99 21.79 22.77
CA ASP B 312 -9.09 20.85 23.45
C ASP B 312 -9.81 19.65 24.07
N CYS B 313 -11.05 19.42 23.65
CA CYS B 313 -11.86 18.30 24.17
C CYS B 313 -12.22 18.43 25.66
N LYS B 314 -12.27 19.66 26.19
CA LYS B 314 -12.68 19.89 27.56
C LYS B 314 -14.18 20.16 27.60
N THR B 315 -14.87 19.52 28.55
CA THR B 315 -16.31 19.70 28.74
C THR B 315 -16.54 20.91 29.63
N ASN B 316 -17.80 21.16 30.04
CA ASN B 316 -18.08 22.27 30.95
C ASN B 316 -17.68 21.96 32.40
N LEU B 317 -17.43 20.68 32.72
CA LEU B 317 -17.07 20.31 34.09
C LEU B 317 -15.55 20.27 34.28
N PRO B 318 -15.05 20.76 35.44
CA PRO B 318 -13.60 20.81 35.65
C PRO B 318 -12.95 19.42 35.63
N ASN B 319 -11.91 19.28 34.82
CA ASN B 319 -11.16 18.02 34.67
C ASN B 319 -11.98 16.85 34.10
N VAL B 320 -13.00 17.19 33.31
CA VAL B 320 -13.80 16.20 32.60
C VAL B 320 -13.61 16.52 31.13
N TRP B 321 -13.16 15.52 30.40
CA TRP B 321 -12.84 15.62 28.99
C TRP B 321 -13.71 14.64 28.24
N ALA B 322 -13.78 14.78 26.92
CA ALA B 322 -14.55 13.85 26.12
C ALA B 322 -13.94 13.72 24.72
N VAL B 323 -13.88 12.50 24.23
CA VAL B 323 -13.24 12.23 22.96
C VAL B 323 -13.97 11.20 22.13
N GLY B 324 -13.64 11.16 20.84
CA GLY B 324 -14.17 10.17 19.92
C GLY B 324 -15.53 10.45 19.32
N ASP B 325 -16.25 9.37 19.04
CA ASP B 325 -17.59 9.47 18.41
C ASP B 325 -18.61 10.29 19.22
N VAL B 326 -18.41 10.38 20.54
CA VAL B 326 -19.36 11.09 21.42
C VAL B 326 -19.20 12.62 21.34
N VAL B 327 -18.16 13.10 20.65
CA VAL B 327 -17.94 14.54 20.47
C VAL B 327 -17.91 14.93 18.98
N ARG B 328 -17.96 16.23 18.70
CA ARG B 328 -17.93 16.72 17.31
C ARG B 328 -16.68 16.24 16.53
N GLY B 329 -16.82 16.21 15.21
CA GLY B 329 -15.72 15.83 14.31
C GLY B 329 -15.94 14.52 13.60
N PRO B 330 -15.02 14.15 12.69
CA PRO B 330 -15.18 12.90 11.95
C PRO B 330 -15.35 11.71 12.85
N MET B 331 -16.38 10.91 12.58
CA MET B 331 -16.65 9.70 13.39
C MET B 331 -15.83 8.56 12.81
N LEU B 332 -14.53 8.62 13.12
CA LEU B 332 -13.55 7.66 12.66
C LEU B 332 -12.67 7.20 13.81
N ALA B 333 -12.19 5.96 13.69
CA ALA B 333 -11.32 5.35 14.70
C ALA B 333 -10.04 6.15 14.92
N HIS B 334 -9.35 6.46 13.83
CA HIS B 334 -8.09 7.24 13.95
C HIS B 334 -8.32 8.64 14.47
N LYS B 335 -9.53 9.21 14.27
CA LYS B 335 -9.83 10.53 14.86
C LYS B 335 -9.98 10.37 16.38
N ALA B 336 -10.69 9.32 16.80
CA ALA B 336 -10.88 9.07 18.23
C ALA B 336 -9.52 8.87 18.91
N GLU B 337 -8.66 8.09 18.28
CA GLU B 337 -7.33 7.82 18.82
C GLU B 337 -6.49 9.09 18.97
N GLU B 338 -6.59 9.96 17.97
CA GLU B 338 -5.85 11.25 17.95
C GLU B 338 -6.27 12.07 19.18
N GLU B 339 -7.58 12.18 19.40
CA GLU B 339 -8.11 12.90 20.55
C GLU B 339 -7.74 12.24 21.88
N GLY B 340 -7.81 10.92 21.94
CA GLY B 340 -7.42 10.21 23.15
C GLY B 340 -5.99 10.51 23.54
N VAL B 341 -5.08 10.45 22.57
CA VAL B 341 -3.67 10.75 22.81
C VAL B 341 -3.50 12.21 23.26
N ALA B 342 -4.14 13.12 22.53
CA ALA B 342 -4.03 14.55 22.84
C ALA B 342 -4.54 14.90 24.25
N VAL B 343 -5.66 14.30 24.65
CA VAL B 343 -6.23 14.57 25.98
C VAL B 343 -5.29 14.03 27.09
N ALA B 344 -4.74 12.83 26.92
CA ALA B 344 -3.80 12.29 27.89
C ALA B 344 -2.59 13.22 28.02
N GLU B 345 -2.07 13.68 26.88
CA GLU B 345 -0.93 14.58 26.89
C GLU B 345 -1.25 15.92 27.58
N ARG B 346 -2.46 16.45 27.35
CA ARG B 346 -2.89 17.71 27.97
C ARG B 346 -3.05 17.57 29.49
N ILE B 347 -3.60 16.44 29.92
CA ILE B 347 -3.75 16.15 31.33
C ILE B 347 -2.36 16.18 31.97
N ALA B 348 -1.38 15.64 31.25
CA ALA B 348 -0.01 15.57 31.71
C ALA B 348 0.73 16.91 31.66
N GLY B 349 0.06 17.95 31.14
CA GLY B 349 0.65 19.28 31.06
C GLY B 349 1.27 19.65 29.72
N GLN B 350 1.16 18.78 28.72
CA GLN B 350 1.71 19.06 27.38
C GLN B 350 0.63 19.73 26.51
N HIS B 351 0.97 20.09 25.28
CA HIS B 351 0.05 20.80 24.40
C HIS B 351 -1.00 19.94 23.66
N GLY B 352 -0.58 18.77 23.17
CA GLY B 352 -1.49 17.88 22.42
C GLY B 352 -1.70 18.42 21.01
N HIS B 353 -2.05 17.54 20.08
CA HIS B 353 -2.28 17.96 18.68
C HIS B 353 -3.36 17.14 18.01
N VAL B 354 -4.37 17.85 17.50
CA VAL B 354 -5.48 17.26 16.78
C VAL B 354 -5.83 18.21 15.64
N ASN B 355 -5.78 17.72 14.41
CA ASN B 355 -6.08 18.54 13.24
C ASN B 355 -7.00 17.78 12.29
N PHE B 356 -8.30 18.11 12.33
CA PHE B 356 -9.26 17.44 11.47
C PHE B 356 -9.01 17.66 9.98
N ALA B 357 -8.31 18.74 9.64
CA ALA B 357 -8.05 19.06 8.23
C ALA B 357 -7.21 18.03 7.50
N THR B 358 -6.39 17.28 8.24
CA THR B 358 -5.51 16.27 7.66
C THR B 358 -5.94 14.83 8.01
N VAL B 359 -7.17 14.66 8.50
CA VAL B 359 -7.65 13.33 8.83
C VAL B 359 -8.03 12.62 7.51
N PRO B 360 -7.45 11.44 7.26
CA PRO B 360 -7.80 10.74 6.01
C PRO B 360 -9.12 9.97 6.12
N TRP B 361 -9.78 9.81 4.98
CA TRP B 361 -11.05 9.08 4.88
C TRP B 361 -10.83 7.89 3.98
N VAL B 362 -11.30 6.72 4.37
CA VAL B 362 -11.09 5.51 3.55
C VAL B 362 -12.34 4.65 3.41
N ILE B 363 -12.56 4.13 2.19
CA ILE B 363 -13.68 3.24 1.87
C ILE B 363 -13.03 1.96 1.35
N TYR B 364 -13.29 0.84 2.02
CA TYR B 364 -12.57 -0.41 1.70
C TYR B 364 -13.27 -1.36 0.72
N THR B 365 -13.98 -0.75 -0.21
CA THR B 365 -14.65 -1.45 -1.28
C THR B 365 -13.60 -1.80 -2.34
N SER B 366 -14.06 -2.41 -3.43
CA SER B 366 -13.20 -2.73 -4.57
C SER B 366 -13.80 -1.98 -5.76
N PRO B 367 -13.16 -0.94 -6.29
CA PRO B 367 -11.86 -0.42 -5.85
C PRO B 367 -11.89 0.31 -4.50
N GLU B 368 -10.74 0.40 -3.86
CA GLU B 368 -10.62 1.18 -2.62
C GLU B 368 -10.65 2.65 -2.95
N ILE B 369 -11.12 3.43 -1.98
CA ILE B 369 -11.21 4.86 -2.12
C ILE B 369 -10.57 5.50 -0.91
N ALA B 370 -9.72 6.51 -1.13
CA ALA B 370 -9.11 7.20 -0.01
C ALA B 370 -8.80 8.62 -0.35
N TRP B 371 -9.00 9.51 0.62
CA TRP B 371 -8.70 10.91 0.41
C TRP B 371 -8.34 11.63 1.70
N VAL B 372 -7.68 12.77 1.52
CA VAL B 372 -7.31 13.64 2.62
C VAL B 372 -7.40 15.06 2.06
N GLY B 373 -7.85 16.00 2.88
CA GLY B 373 -7.99 17.38 2.43
C GLY B 373 -9.28 17.67 1.70
N LYS B 374 -9.27 18.75 0.92
CA LYS B 374 -10.48 19.25 0.25
C LYS B 374 -10.72 18.73 -1.17
N THR B 375 -12.00 18.60 -1.52
CA THR B 375 -12.41 18.18 -2.87
C THR B 375 -12.44 19.42 -3.77
N GLU B 376 -12.51 19.23 -5.08
CA GLU B 376 -12.64 20.39 -5.99
C GLU B 376 -13.89 21.18 -5.64
N GLN B 377 -14.99 20.47 -5.34
CA GLN B 377 -16.26 21.13 -5.02
C GLN B 377 -16.09 22.08 -3.85
N GLN B 378 -15.43 21.60 -2.80
CA GLN B 378 -15.23 22.41 -1.61
C GLN B 378 -14.35 23.64 -1.91
N LEU B 379 -13.30 23.45 -2.70
CA LEU B 379 -12.41 24.57 -3.04
C LEU B 379 -13.17 25.64 -3.85
N LYS B 380 -13.96 25.20 -4.84
CA LYS B 380 -14.78 26.13 -5.59
C LYS B 380 -15.77 26.85 -4.65
N ALA B 381 -16.32 26.13 -3.67
CA ALA B 381 -17.28 26.72 -2.74
C ALA B 381 -16.68 27.85 -1.92
N GLU B 382 -15.38 27.73 -1.60
CA GLU B 382 -14.65 28.74 -0.82
C GLU B 382 -14.01 29.80 -1.68
N GLY B 383 -14.15 29.68 -3.00
CA GLY B 383 -13.51 30.63 -3.91
C GLY B 383 -11.97 30.54 -3.89
N ARG B 384 -11.45 29.36 -3.61
CA ARG B 384 -10.00 29.12 -3.51
C ARG B 384 -9.46 28.64 -4.87
N GLU B 385 -8.68 29.48 -5.55
CA GLU B 385 -8.14 29.13 -6.88
C GLU B 385 -7.20 27.95 -6.76
N TYR B 386 -7.42 26.94 -7.60
CA TYR B 386 -6.65 25.71 -7.53
C TYR B 386 -6.35 25.14 -8.90
N LYS B 387 -5.41 24.20 -8.91
CA LYS B 387 -5.05 23.43 -10.09
C LYS B 387 -5.07 21.97 -9.66
N ALA B 388 -5.69 21.13 -10.48
CA ALA B 388 -5.79 19.72 -10.17
C ALA B 388 -5.09 18.91 -11.26
N GLY B 389 -4.48 17.80 -10.84
CA GLY B 389 -3.77 16.91 -11.74
C GLY B 389 -4.23 15.50 -11.45
N SER B 390 -4.40 14.69 -12.49
CA SER B 390 -4.88 13.33 -12.31
C SER B 390 -4.05 12.37 -13.14
N PHE B 391 -3.93 11.12 -12.69
CA PHE B 391 -3.20 10.09 -13.43
C PHE B 391 -3.92 8.77 -13.22
N PRO B 392 -4.21 8.05 -14.31
CA PRO B 392 -4.97 6.80 -14.21
C PRO B 392 -4.11 5.57 -13.97
N PHE B 393 -4.64 4.60 -13.21
CA PHE B 393 -3.88 3.37 -12.93
C PHE B 393 -3.64 2.54 -14.16
N MET B 394 -4.43 2.77 -15.20
CA MET B 394 -4.21 2.10 -16.49
C MET B 394 -2.82 2.41 -17.05
N ALA B 395 -2.26 3.56 -16.67
CA ALA B 395 -0.93 4.00 -17.12
C ALA B 395 0.19 3.66 -16.14
N ASN B 396 -0.14 3.01 -15.02
CA ASN B 396 0.83 2.64 -13.97
C ASN B 396 1.35 1.23 -14.23
N GLY B 397 2.68 1.06 -14.23
CA GLY B 397 3.27 -0.26 -14.50
C GLY B 397 2.92 -1.34 -13.50
N ARG B 398 2.81 -0.95 -12.23
CA ARG B 398 2.48 -1.91 -11.18
C ARG B 398 1.03 -2.37 -11.27
N ALA B 399 0.11 -1.44 -11.54
CA ALA B 399 -1.30 -1.80 -11.71
C ALA B 399 -1.45 -2.74 -12.91
N ARG B 400 -0.69 -2.50 -13.98
CA ARG B 400 -0.73 -3.38 -15.17
C ARG B 400 -0.25 -4.79 -14.82
N ALA B 401 0.89 -4.88 -14.12
CA ALA B 401 1.45 -6.17 -13.69
C ALA B 401 0.51 -6.87 -12.72
N LEU B 402 -0.12 -6.09 -11.86
CA LEU B 402 -1.07 -6.60 -10.85
C LEU B 402 -2.32 -7.21 -11.46
N GLY B 403 -2.75 -6.65 -12.59
CA GLY B 403 -3.96 -7.09 -13.27
C GLY B 403 -5.18 -6.35 -12.73
N ASP B 404 -4.94 -5.11 -12.26
CA ASP B 404 -6.01 -4.28 -11.70
C ASP B 404 -5.67 -2.83 -12.03
N THR B 405 -6.25 -2.35 -13.12
CA THR B 405 -5.98 -1.01 -13.65
C THR B 405 -7.12 0.01 -13.47
N THR B 406 -8.16 -0.33 -12.71
CA THR B 406 -9.28 0.60 -12.52
C THR B 406 -8.94 1.77 -11.60
N GLY B 407 -9.31 2.99 -12.01
CA GLY B 407 -9.15 4.19 -11.17
C GLY B 407 -8.07 5.21 -11.49
N PHE B 408 -7.81 6.07 -10.51
CA PHE B 408 -6.83 7.13 -10.68
C PHE B 408 -6.41 7.75 -9.36
N ALA B 409 -5.37 8.58 -9.43
CA ALA B 409 -4.88 9.37 -8.31
C ALA B 409 -5.04 10.83 -8.74
N LYS B 410 -5.42 11.68 -7.80
CA LYS B 410 -5.65 13.08 -8.09
C LYS B 410 -5.06 13.94 -7.00
N VAL B 411 -4.28 14.96 -7.39
CA VAL B 411 -3.67 15.90 -6.47
C VAL B 411 -4.21 17.30 -6.80
N ILE B 412 -4.67 18.00 -5.75
CA ILE B 412 -5.19 19.36 -5.93
C ILE B 412 -4.29 20.31 -5.15
N ALA B 413 -3.81 21.36 -5.83
CA ALA B 413 -2.91 22.33 -5.20
C ALA B 413 -3.41 23.74 -5.35
N ASP B 414 -2.96 24.60 -4.44
CA ASP B 414 -3.27 26.00 -4.50
C ASP B 414 -2.68 26.54 -5.79
N ALA B 415 -3.47 27.29 -6.57
CA ALA B 415 -2.99 27.78 -7.89
C ALA B 415 -1.83 28.78 -7.82
N LYS B 416 -1.69 29.45 -6.67
CA LYS B 416 -0.68 30.48 -6.48
C LYS B 416 0.56 29.97 -5.74
N THR B 417 0.37 29.28 -4.63
CA THR B 417 1.47 28.79 -3.80
C THR B 417 1.92 27.34 -4.08
N ASP B 418 1.09 26.58 -4.80
CA ASP B 418 1.34 25.17 -5.10
C ASP B 418 1.19 24.26 -3.88
N GLU B 419 0.76 24.79 -2.73
CA GLU B 419 0.56 23.95 -1.55
C GLU B 419 -0.53 22.91 -1.85
N VAL B 420 -0.27 21.66 -1.50
CA VAL B 420 -1.25 20.60 -1.71
C VAL B 420 -2.42 20.82 -0.76
N LEU B 421 -3.63 20.92 -1.33
CA LEU B 421 -4.85 21.16 -0.56
C LEU B 421 -5.72 19.92 -0.43
N GLY B 422 -5.49 18.93 -1.28
CA GLY B 422 -6.23 17.67 -1.19
C GLY B 422 -5.66 16.62 -2.11
N VAL B 423 -5.80 15.35 -1.73
CA VAL B 423 -5.36 14.22 -2.59
C VAL B 423 -6.51 13.22 -2.56
N HIS B 424 -6.86 12.67 -3.73
CA HIS B 424 -8.01 11.77 -3.82
C HIS B 424 -7.62 10.60 -4.66
N ILE B 425 -7.83 9.39 -4.14
CA ILE B 425 -7.42 8.18 -4.86
C ILE B 425 -8.52 7.12 -4.88
N ILE B 426 -8.75 6.57 -6.07
CA ILE B 426 -9.67 5.45 -6.24
C ILE B 426 -8.91 4.41 -7.06
N GLY B 427 -8.72 3.23 -6.48
CA GLY B 427 -7.97 2.18 -7.15
C GLY B 427 -7.32 1.23 -6.19
N PRO B 428 -6.44 0.37 -6.72
CA PRO B 428 -5.83 -0.64 -5.87
C PRO B 428 -5.03 -0.04 -4.72
N MET B 429 -5.24 -0.59 -3.51
N MET B 429 -5.25 -0.59 -3.52
CA MET B 429 -4.51 -0.18 -2.31
CA MET B 429 -4.51 -0.22 -2.31
C MET B 429 -4.57 1.29 -1.94
C MET B 429 -4.56 1.28 -1.95
N ALA B 430 -5.63 1.98 -2.36
CA ALA B 430 -5.77 3.40 -2.05
C ALA B 430 -5.62 3.71 -0.56
N SER B 431 -6.13 2.81 0.28
CA SER B 431 -6.05 2.94 1.74
C SER B 431 -4.61 3.11 2.25
N GLU B 432 -3.67 2.48 1.57
CA GLU B 432 -2.25 2.56 1.95
C GLU B 432 -1.56 3.71 1.25
N LEU B 433 -1.91 3.95 -0.02
CA LEU B 433 -1.29 5.03 -0.79
C LEU B 433 -1.55 6.41 -0.20
N ILE B 434 -2.67 6.57 0.52
CA ILE B 434 -3.01 7.90 1.03
C ILE B 434 -2.07 8.41 2.13
N SER B 435 -1.37 7.50 2.80
CA SER B 435 -0.43 7.88 3.88
C SER B 435 0.61 8.94 3.42
N GLU B 436 1.10 8.75 2.20
CA GLU B 436 2.06 9.67 1.61
C GLU B 436 1.47 11.08 1.50
N ALA B 437 0.20 11.16 1.10
CA ALA B 437 -0.51 12.44 0.96
C ALA B 437 -0.75 13.09 2.33
N VAL B 438 -1.11 12.30 3.32
CA VAL B 438 -1.31 12.88 4.66
C VAL B 438 0.01 13.47 5.15
N THR B 439 1.10 12.78 4.88
CA THR B 439 2.42 13.24 5.28
C THR B 439 2.77 14.56 4.61
N ILE B 440 2.56 14.64 3.30
CA ILE B 440 2.82 15.85 2.54
C ILE B 440 2.04 17.03 3.12
N MET B 441 0.76 16.79 3.43
CA MET B 441 -0.08 17.86 3.96
C MET B 441 0.34 18.30 5.35
N GLU B 442 0.85 17.37 6.15
CA GLU B 442 1.31 17.73 7.48
C GLU B 442 2.54 18.65 7.43
N PHE B 443 3.34 18.52 6.38
CA PHE B 443 4.50 19.41 6.18
C PHE B 443 4.13 20.64 5.33
N ARG B 444 2.84 20.77 5.00
CA ARG B 444 2.34 21.84 4.12
C ARG B 444 3.15 21.89 2.81
N GLY B 445 3.44 20.69 2.32
CA GLY B 445 4.18 20.48 1.09
C GLY B 445 3.41 20.87 -0.17
N ALA B 446 4.17 20.99 -1.26
CA ALA B 446 3.65 21.40 -2.54
C ALA B 446 3.56 20.25 -3.51
N ALA B 447 2.73 20.43 -4.54
CA ALA B 447 2.59 19.43 -5.59
C ALA B 447 3.97 19.14 -6.19
N GLU B 448 4.74 20.19 -6.44
CA GLU B 448 6.08 20.00 -7.00
C GLU B 448 6.98 19.14 -6.09
N ASP B 449 6.79 19.21 -4.77
CA ASP B 449 7.56 18.36 -3.82
C ASP B 449 7.28 16.88 -4.08
N ILE B 450 6.01 16.52 -4.28
CA ILE B 450 5.65 15.14 -4.55
C ILE B 450 6.25 14.73 -5.87
N ALA B 451 6.09 15.60 -6.86
CA ALA B 451 6.59 15.37 -8.22
C ALA B 451 8.10 15.13 -8.26
N ARG B 452 8.82 15.75 -7.34
CA ARG B 452 10.28 15.62 -7.31
C ARG B 452 10.84 14.59 -6.31
N ILE B 453 9.95 13.87 -5.63
CA ILE B 453 10.38 12.82 -4.70
C ILE B 453 10.46 11.51 -5.50
N CYS B 454 11.54 10.76 -5.28
CA CYS B 454 11.72 9.50 -5.99
C CYS B 454 10.72 8.46 -5.49
N HIS B 455 10.02 7.82 -6.41
CA HIS B 455 9.09 6.75 -6.06
C HIS B 455 9.60 5.46 -6.72
N ALA B 456 9.63 4.38 -5.94
CA ALA B 456 10.08 3.09 -6.44
C ALA B 456 9.26 2.64 -7.65
N HIS B 457 9.95 2.05 -8.61
CA HIS B 457 9.33 1.55 -9.82
C HIS B 457 9.49 0.04 -9.88
N PRO B 458 8.44 -0.73 -10.09
CA PRO B 458 7.07 -0.28 -10.30
C PRO B 458 6.23 -0.36 -9.04
N THR B 459 5.57 0.75 -8.70
CA THR B 459 4.68 0.78 -7.54
C THR B 459 3.46 1.63 -7.86
N LEU B 460 2.34 1.28 -7.23
CA LEU B 460 1.09 2.05 -7.34
C LEU B 460 1.31 3.50 -6.87
N SER B 461 2.20 3.67 -5.89
N SER B 461 2.21 3.68 -5.89
CA SER B 461 2.52 5.00 -5.36
CA SER B 461 2.51 5.01 -5.35
C SER B 461 2.98 5.96 -6.43
C SER B 461 3.02 5.97 -6.42
N GLU B 462 3.56 5.44 -7.52
CA GLU B 462 4.03 6.28 -8.63
C GLU B 462 2.87 7.09 -9.24
N ALA B 463 1.64 6.61 -9.08
CA ALA B 463 0.46 7.33 -9.59
C ALA B 463 0.26 8.66 -8.86
N VAL B 464 0.64 8.71 -7.58
CA VAL B 464 0.52 9.95 -6.80
C VAL B 464 1.55 10.96 -7.31
N LYS B 465 2.77 10.48 -7.60
CA LYS B 465 3.82 11.33 -8.18
C LYS B 465 3.37 11.89 -9.53
N GLU B 466 2.86 11.01 -10.39
CA GLU B 466 2.42 11.45 -11.72
C GLU B 466 1.25 12.42 -11.64
N ALA B 467 0.31 12.17 -10.71
CA ALA B 467 -0.83 13.10 -10.51
C ALA B 467 -0.28 14.47 -10.15
N ALA B 468 0.75 14.50 -9.29
CA ALA B 468 1.38 15.76 -8.91
C ALA B 468 2.08 16.43 -10.11
N LEU B 469 2.72 15.62 -10.95
CA LEU B 469 3.35 16.16 -12.17
C LEU B 469 2.27 16.75 -13.06
N ALA B 470 1.09 16.12 -13.08
CA ALA B 470 -0.05 16.59 -13.90
C ALA B 470 -0.55 17.96 -13.47
N VAL B 471 -0.38 18.29 -12.18
CA VAL B 471 -0.74 19.63 -11.68
C VAL B 471 -0.02 20.70 -12.50
N ASP B 472 1.23 20.40 -12.89
CA ASP B 472 2.07 21.30 -13.68
C ASP B 472 2.11 20.92 -15.18
N LYS B 473 1.11 20.14 -15.61
CA LYS B 473 0.96 19.71 -17.02
C LYS B 473 2.22 19.04 -17.57
N ARG B 474 2.87 18.21 -16.74
CA ARG B 474 4.09 17.54 -17.18
C ARG B 474 4.19 16.09 -16.71
N THR B 475 3.09 15.36 -16.81
CA THR B 475 3.11 13.94 -16.50
C THR B 475 4.10 13.33 -17.49
N LEU B 476 4.85 12.35 -17.01
CA LEU B 476 5.84 11.65 -17.82
C LEU B 476 5.28 10.39 -18.48
N ASN B 477 4.37 9.70 -17.79
CA ASN B 477 3.86 8.41 -18.27
C ASN B 477 2.40 8.35 -18.72
N PHE B 478 1.83 9.53 -18.99
CA PHE B 478 0.48 9.65 -19.55
C PHE B 478 0.49 10.89 -20.43
#